data_6KM7
#
_entry.id   6KM7
#
_cell.length_a   57.571
_cell.length_b   68.841
_cell.length_c   72.788
_cell.angle_alpha   99.240
_cell.angle_beta   99.310
_cell.angle_gamma   113.810
#
_symmetry.space_group_name_H-M   'P 1'
#
loop_
_entity.id
_entity.type
_entity.pdbx_description
1 polymer 'Retinoblastoma-binding protein 5'
2 polymer 'Retinoblastoma-binding protein 5'
3 non-polymer 'SULFATE ION'
4 non-polymer 'NONAETHYLENE GLYCOL'
5 non-polymer 'HEXAETHYLENE GLYCOL'
6 non-polymer 'TETRAETHYLENE GLYCOL'
7 water water
#
loop_
_entity_poly.entity_id
_entity_poly.type
_entity_poly.pdbx_seq_one_letter_code
_entity_poly.pdbx_strand_id
1 'polypeptide(L)'
;SGQNYPEEADGTLDCISMALTCTFNRWGTLLAVGCNDGRIVIWDFLTRGIAKIISAHIHPVCSLCWSRDGHKLVSASTDN
IVSQWDVLSGDCDQRFRFPSPILKVQYHPRDQNKVLVCPMKSAPVMLTLSDSKHVVLPVDDDSDLNVVASFDRRGEYIYT
GNAKGKILVLKTDSQDLVASFRVTTGTSNTTAIKSIEFARKGSCFLINTADRIIRVYDGREILTCGRDGEPEPMQKLQDL
VNRTPWKKCCFSGDGEYIVAGSARQHALYIWEKSIGNLVKILHGTRGELLLDVAWHPVRPIIASISSGVVSIWAQNQ
;
A,B
2 'polypeptide(L)' DEELEDSKALLYLPIAPEVEDPEENPYGPPPDGSQPPKKKPKTTNIELQGVPNDEVHPLLGVKGDGKSK C,D
#
loop_
_chem_comp.id
_chem_comp.type
_chem_comp.name
_chem_comp.formula
2PE non-polymer 'NONAETHYLENE GLYCOL' 'C18 H38 O10'
P6G non-polymer 'HEXAETHYLENE GLYCOL' 'C12 H26 O7'
PG4 non-polymer 'TETRAETHYLENE GLYCOL' 'C8 H18 O5'
SO4 non-polymer 'SULFATE ION' 'O4 S -2'
#
# COMPACT_ATOMS: atom_id res chain seq x y z
N ASN A 4 -29.20 -16.09 14.68
CA ASN A 4 -29.01 -14.83 15.39
C ASN A 4 -27.93 -13.98 14.72
N TYR A 5 -27.03 -13.42 15.53
CA TYR A 5 -25.94 -12.59 15.06
C TYR A 5 -24.78 -12.70 16.04
N PRO A 6 -23.53 -12.54 15.55
CA PRO A 6 -22.37 -12.72 16.45
C PRO A 6 -22.37 -11.62 17.48
N GLU A 7 -21.67 -11.81 18.59
CA GLU A 7 -21.62 -10.76 19.59
C GLU A 7 -20.26 -10.60 20.26
N GLU A 8 -19.26 -11.43 19.94
CA GLU A 8 -17.98 -11.39 20.63
C GLU A 8 -16.90 -11.74 19.63
N ALA A 9 -15.73 -11.14 19.82
CA ALA A 9 -14.56 -11.54 19.05
C ALA A 9 -14.22 -13.00 19.35
N ASP A 10 -13.79 -13.75 18.34
CA ASP A 10 -13.64 -15.19 18.53
C ASP A 10 -12.43 -15.70 17.76
N GLY A 11 -11.35 -14.94 17.78
CA GLY A 11 -10.10 -15.43 17.23
C GLY A 11 -9.85 -14.91 15.84
N THR A 12 -8.68 -15.27 15.33
CA THR A 12 -8.24 -14.79 14.03
C THR A 12 -7.79 -15.99 13.21
N LEU A 13 -7.80 -15.82 11.90
CA LEU A 13 -7.23 -16.81 11.00
C LEU A 13 -5.79 -16.38 10.73
N ASP A 14 -4.84 -17.09 11.34
CA ASP A 14 -3.43 -16.69 11.30
C ASP A 14 -2.81 -17.15 9.99
N CYS A 15 -2.44 -16.19 9.15
CA CYS A 15 -1.67 -16.48 7.96
C CYS A 15 -0.59 -15.42 7.82
N ILE A 16 0.54 -15.81 7.21
CA ILE A 16 1.56 -14.82 6.96
C ILE A 16 1.13 -13.90 5.82
N SER A 17 0.38 -14.43 4.85
CA SER A 17 -0.08 -13.57 3.76
C SER A 17 -1.05 -12.53 4.31
N MET A 18 -1.00 -11.31 3.76
CA MET A 18 -1.79 -10.18 4.26
C MET A 18 -3.15 -10.15 3.56
N ALA A 19 -4.19 -10.41 4.34
CA ALA A 19 -5.55 -10.53 3.81
C ALA A 19 -6.10 -9.18 3.32
N LEU A 20 -6.79 -9.22 2.18
CA LEU A 20 -7.48 -8.04 1.64
C LEU A 20 -8.97 -8.27 1.41
N THR A 21 -9.36 -9.45 0.94
CA THR A 21 -10.77 -9.71 0.64
C THR A 21 -11.06 -11.17 0.94
N CYS A 22 -12.33 -11.47 1.29
CA CYS A 22 -12.64 -12.88 1.55
C CYS A 22 -14.09 -13.17 1.17
N THR A 23 -14.36 -14.45 0.90
CA THR A 23 -15.71 -14.86 0.53
C THR A 23 -15.91 -16.34 0.89
N PHE A 24 -17.10 -16.64 1.39
CA PHE A 24 -17.52 -17.99 1.74
C PHE A 24 -18.06 -18.70 0.51
N ASN A 25 -17.83 -20.02 0.43
CA ASN A 25 -18.55 -20.80 -0.58
C ASN A 25 -20.00 -20.93 -0.13
N ARG A 26 -20.84 -21.53 -0.98
CA ARG A 26 -22.28 -21.53 -0.75
C ARG A 26 -22.66 -22.12 0.60
N TRP A 27 -21.96 -23.19 1.01
CA TRP A 27 -22.28 -23.92 2.23
C TRP A 27 -21.56 -23.39 3.46
N GLY A 28 -20.64 -22.45 3.29
CA GLY A 28 -19.88 -21.93 4.42
C GLY A 28 -18.85 -22.86 4.98
N THR A 29 -18.46 -23.89 4.21
CA THR A 29 -17.43 -24.82 4.69
C THR A 29 -16.02 -24.34 4.37
N LEU A 30 -15.87 -23.47 3.37
CA LEU A 30 -14.57 -22.91 2.98
C LEU A 30 -14.64 -21.40 2.86
N LEU A 31 -13.58 -20.74 3.31
CA LEU A 31 -13.41 -19.30 3.18
C LEU A 31 -12.17 -19.05 2.31
N ALA A 32 -12.35 -18.39 1.18
CA ALA A 32 -11.24 -18.01 0.32
C ALA A 32 -10.83 -16.58 0.67
N VAL A 33 -9.52 -16.40 0.88
CA VAL A 33 -9.00 -15.09 1.28
C VAL A 33 -7.98 -14.66 0.25
N GLY A 34 -8.25 -13.53 -0.41
CA GLY A 34 -7.30 -12.96 -1.36
C GLY A 34 -6.35 -12.02 -0.64
N CYS A 35 -5.05 -12.14 -0.95
CA CYS A 35 -4.00 -11.49 -0.17
C CYS A 35 -3.14 -10.56 -1.03
N ASN A 36 -2.37 -9.70 -0.37
CA ASN A 36 -1.67 -8.67 -1.12
C ASN A 36 -0.36 -9.16 -1.72
N ASP A 37 0.05 -10.39 -1.43
CA ASP A 37 1.13 -11.03 -2.17
C ASP A 37 0.62 -11.80 -3.36
N GLY A 38 -0.66 -11.60 -3.74
CA GLY A 38 -1.25 -12.28 -4.86
C GLY A 38 -1.71 -13.71 -4.61
N ARG A 39 -1.58 -14.21 -3.39
CA ARG A 39 -2.00 -15.56 -3.09
C ARG A 39 -3.47 -15.58 -2.70
N ILE A 40 -4.12 -16.72 -2.97
CA ILE A 40 -5.44 -17.02 -2.44
C ILE A 40 -5.27 -18.13 -1.39
N VAL A 41 -5.65 -17.83 -0.15
CA VAL A 41 -5.57 -18.80 0.94
C VAL A 41 -6.98 -19.33 1.18
N ILE A 42 -7.17 -20.63 1.01
CA ILE A 42 -8.49 -21.25 1.21
C ILE A 42 -8.49 -21.97 2.55
N TRP A 43 -9.35 -21.50 3.46
CA TRP A 43 -9.45 -22.06 4.81
C TRP A 43 -10.57 -23.08 4.87
N ASP A 44 -10.27 -24.23 5.49
CA ASP A 44 -11.29 -25.12 6.06
C ASP A 44 -11.91 -24.35 7.22
N PHE A 45 -13.09 -23.79 6.99
CA PHE A 45 -13.67 -22.89 7.99
C PHE A 45 -14.24 -23.63 9.18
N LEU A 46 -14.58 -24.91 9.03
CA LEU A 46 -15.08 -25.66 10.18
C LEU A 46 -13.99 -25.93 11.21
N THR A 47 -12.73 -26.05 10.80
CA THR A 47 -11.67 -26.31 11.76
C THR A 47 -10.68 -25.17 11.87
N ARG A 48 -10.82 -24.14 11.03
CA ARG A 48 -9.90 -23.00 10.97
C ARG A 48 -8.47 -23.46 10.70
N GLY A 49 -8.33 -24.31 9.70
CA GLY A 49 -7.03 -24.71 9.21
C GLY A 49 -6.94 -24.40 7.73
N ILE A 50 -5.72 -24.13 7.26
CA ILE A 50 -5.54 -23.84 5.85
C ILE A 50 -5.69 -25.12 5.04
N ALA A 51 -6.51 -25.07 4.01
CA ALA A 51 -6.71 -26.24 3.16
C ALA A 51 -5.87 -26.19 1.89
N LYS A 52 -5.69 -25.02 1.30
CA LYS A 52 -4.95 -24.91 0.06
C LYS A 52 -4.51 -23.47 -0.10
N ILE A 53 -3.34 -23.29 -0.70
CA ILE A 53 -2.85 -21.95 -1.08
C ILE A 53 -2.61 -21.94 -2.57
N ILE A 54 -3.21 -20.97 -3.27
CA ILE A 54 -3.03 -20.82 -4.72
C ILE A 54 -2.20 -19.56 -4.95
N SER A 55 -1.13 -19.68 -5.73
CA SER A 55 -0.36 -18.50 -6.14
C SER A 55 -1.03 -17.91 -7.39
N ALA A 56 -1.93 -16.97 -7.15
CA ALA A 56 -2.87 -16.57 -8.19
C ALA A 56 -2.37 -15.42 -9.05
N HIS A 57 -1.74 -14.41 -8.45
CA HIS A 57 -1.39 -13.19 -9.17
C HIS A 57 -0.05 -12.68 -8.66
N ILE A 58 0.58 -11.81 -9.46
CA ILE A 58 1.78 -11.12 -9.01
C ILE A 58 1.42 -10.04 -8.00
N HIS A 59 0.36 -9.29 -8.29
CA HIS A 59 -0.03 -8.13 -7.52
C HIS A 59 -1.26 -8.43 -6.66
N PRO A 60 -1.62 -7.53 -5.74
CA PRO A 60 -2.66 -7.84 -4.76
C PRO A 60 -3.95 -8.31 -5.39
N VAL A 61 -4.55 -9.33 -4.77
CA VAL A 61 -5.88 -9.84 -5.13
C VAL A 61 -6.92 -8.89 -4.56
N CYS A 62 -7.87 -8.44 -5.39
CA CYS A 62 -8.85 -7.48 -4.90
C CYS A 62 -10.30 -7.96 -4.94
N SER A 63 -10.60 -9.07 -5.61
CA SER A 63 -11.98 -9.59 -5.66
C SER A 63 -11.92 -11.09 -5.91
N LEU A 64 -12.89 -11.81 -5.33
CA LEU A 64 -13.01 -13.27 -5.37
C LEU A 64 -14.48 -13.65 -5.41
N CYS A 65 -14.79 -14.73 -6.11
CA CYS A 65 -16.16 -15.27 -6.06
C CYS A 65 -16.11 -16.78 -6.31
N TRP A 66 -16.86 -17.54 -5.51
CA TRP A 66 -16.97 -18.99 -5.72
C TRP A 66 -18.06 -19.29 -6.72
N SER A 67 -17.83 -20.33 -7.52
CA SER A 67 -18.87 -20.82 -8.41
C SER A 67 -19.95 -21.56 -7.62
N ARG A 68 -21.10 -21.75 -8.26
CA ARG A 68 -22.21 -22.45 -7.61
C ARG A 68 -21.82 -23.85 -7.16
N ASP A 69 -21.05 -24.59 -7.97
CA ASP A 69 -20.76 -25.96 -7.57
C ASP A 69 -19.55 -26.06 -6.64
N GLY A 70 -18.94 -24.93 -6.27
CA GLY A 70 -17.83 -24.90 -5.35
C GLY A 70 -16.48 -25.29 -5.94
N HIS A 71 -16.43 -25.75 -7.20
CA HIS A 71 -15.20 -26.27 -7.78
C HIS A 71 -14.31 -25.19 -8.38
N LYS A 72 -14.84 -24.00 -8.62
CA LYS A 72 -14.09 -22.93 -9.26
C LYS A 72 -14.14 -21.66 -8.42
N LEU A 73 -13.04 -20.90 -8.47
CA LEU A 73 -12.95 -19.55 -7.92
C LEU A 73 -12.54 -18.62 -9.05
N VAL A 74 -13.20 -17.47 -9.16
CA VAL A 74 -12.72 -16.42 -10.05
C VAL A 74 -12.11 -15.32 -9.20
N SER A 75 -10.95 -14.82 -9.63
CA SER A 75 -10.22 -13.80 -8.89
C SER A 75 -9.96 -12.61 -9.80
N ALA A 76 -9.68 -11.47 -9.19
CA ALA A 76 -9.21 -10.30 -9.93
C ALA A 76 -8.04 -9.71 -9.18
N SER A 77 -7.10 -9.15 -9.94
CA SER A 77 -5.94 -8.49 -9.37
C SER A 77 -6.06 -6.98 -9.54
N THR A 78 -5.30 -6.26 -8.72
CA THR A 78 -5.27 -4.80 -8.82
C THR A 78 -4.58 -4.31 -10.08
N ASP A 79 -3.91 -5.18 -10.86
CA ASP A 79 -3.37 -4.74 -12.14
C ASP A 79 -4.14 -5.33 -13.32
N ASN A 80 -5.44 -5.57 -13.12
CA ASN A 80 -6.46 -5.69 -14.17
C ASN A 80 -6.61 -7.10 -14.72
N ILE A 81 -6.19 -8.13 -13.98
CA ILE A 81 -6.29 -9.51 -14.47
C ILE A 81 -7.48 -10.16 -13.81
N VAL A 82 -8.25 -10.95 -14.57
CA VAL A 82 -9.30 -11.80 -14.04
C VAL A 82 -8.99 -13.24 -14.43
N SER A 83 -8.98 -14.14 -13.44
CA SER A 83 -8.57 -15.52 -13.67
C SER A 83 -9.58 -16.48 -13.03
N GLN A 84 -9.84 -17.62 -13.69
CA GLN A 84 -10.59 -18.72 -13.07
C GLN A 84 -9.64 -19.80 -12.61
N TRP A 85 -9.82 -20.25 -11.37
CA TRP A 85 -9.04 -21.30 -10.73
C TRP A 85 -9.86 -22.56 -10.57
N ASP A 86 -9.26 -23.71 -10.87
CA ASP A 86 -9.84 -24.99 -10.48
C ASP A 86 -9.37 -25.29 -9.07
N VAL A 87 -10.33 -25.31 -8.12
CA VAL A 87 -9.97 -25.34 -6.71
C VAL A 87 -9.22 -26.63 -6.37
N LEU A 88 -9.69 -27.76 -6.91
CA LEU A 88 -9.10 -29.05 -6.57
C LEU A 88 -7.65 -29.13 -7.03
N SER A 89 -7.38 -28.73 -8.28
CA SER A 89 -6.02 -28.82 -8.82
C SER A 89 -5.16 -27.60 -8.50
N GLY A 90 -5.76 -26.46 -8.21
CA GLY A 90 -5.03 -25.22 -8.15
C GLY A 90 -4.61 -24.66 -9.49
N ASP A 91 -5.03 -25.27 -10.59
CA ASP A 91 -4.64 -24.80 -11.92
C ASP A 91 -5.47 -23.59 -12.35
N CYS A 92 -4.85 -22.75 -13.18
CA CYS A 92 -5.55 -21.64 -13.82
C CYS A 92 -6.27 -22.13 -15.07
N ASP A 93 -7.60 -22.04 -15.08
CA ASP A 93 -8.38 -22.46 -16.26
C ASP A 93 -8.21 -21.48 -17.41
N GLN A 94 -8.37 -20.19 -17.14
CA GLN A 94 -8.05 -19.19 -18.14
C GLN A 94 -7.95 -17.83 -17.47
N ARG A 95 -7.51 -16.85 -18.25
CA ARG A 95 -7.04 -15.57 -17.77
C ARG A 95 -7.50 -14.49 -18.74
N PHE A 96 -7.91 -13.33 -18.20
CA PHE A 96 -8.33 -12.19 -19.00
C PHE A 96 -7.57 -10.96 -18.53
N ARG A 97 -7.25 -10.08 -19.47
CA ARG A 97 -6.60 -8.81 -19.17
C ARG A 97 -7.52 -7.67 -19.58
N PHE A 98 -7.81 -6.78 -18.63
CA PHE A 98 -8.68 -5.63 -18.83
C PHE A 98 -7.87 -4.35 -18.88
N PRO A 99 -8.44 -3.26 -19.43
CA PRO A 99 -7.67 -2.01 -19.57
C PRO A 99 -7.56 -1.21 -18.29
N SER A 100 -8.43 -1.44 -17.31
CA SER A 100 -8.45 -0.66 -16.09
C SER A 100 -8.60 -1.60 -14.91
N PRO A 101 -8.30 -1.15 -13.68
CA PRO A 101 -8.39 -2.06 -12.54
C PRO A 101 -9.82 -2.57 -12.31
N ILE A 102 -9.90 -3.74 -11.68
CA ILE A 102 -11.15 -4.48 -11.52
C ILE A 102 -11.72 -4.13 -10.15
N LEU A 103 -12.93 -3.58 -10.14
CA LEU A 103 -13.60 -3.31 -8.87
C LEU A 103 -14.28 -4.56 -8.31
N LYS A 104 -14.77 -5.44 -9.17
CA LYS A 104 -15.56 -6.57 -8.69
C LYS A 104 -15.62 -7.63 -9.79
N VAL A 105 -15.61 -8.91 -9.36
CA VAL A 105 -15.97 -10.05 -10.23
C VAL A 105 -17.07 -10.85 -9.53
N GLN A 106 -18.00 -11.40 -10.32
CA GLN A 106 -19.05 -12.22 -9.73
C GLN A 106 -19.53 -13.23 -10.75
N TYR A 107 -19.57 -14.50 -10.37
CA TYR A 107 -20.23 -15.50 -11.19
C TYR A 107 -21.73 -15.24 -11.22
N HIS A 108 -22.36 -15.53 -12.37
CA HIS A 108 -23.81 -15.67 -12.38
C HIS A 108 -24.18 -16.77 -11.39
N PRO A 109 -25.03 -16.50 -10.40
CA PRO A 109 -25.23 -17.49 -9.33
C PRO A 109 -25.85 -18.80 -9.81
N ARG A 110 -26.46 -18.82 -10.99
CA ARG A 110 -27.04 -20.04 -11.57
C ARG A 110 -26.43 -20.40 -12.92
N ASP A 111 -25.31 -19.81 -13.31
CA ASP A 111 -24.64 -20.19 -14.56
C ASP A 111 -23.15 -19.87 -14.39
N GLN A 112 -22.38 -20.85 -13.90
CA GLN A 112 -20.99 -20.47 -13.65
C GLN A 112 -20.16 -20.36 -14.93
N ASN A 113 -20.77 -20.52 -16.11
CA ASN A 113 -20.10 -20.19 -17.36
C ASN A 113 -20.02 -18.67 -17.57
N LYS A 114 -20.69 -17.90 -16.73
CA LYS A 114 -20.80 -16.47 -16.93
C LYS A 114 -20.19 -15.72 -15.75
N VAL A 115 -19.32 -14.74 -16.03
CA VAL A 115 -18.67 -13.91 -15.02
C VAL A 115 -18.96 -12.45 -15.32
N LEU A 116 -19.56 -11.74 -14.37
CA LEU A 116 -19.74 -10.28 -14.44
C LEU A 116 -18.51 -9.56 -13.89
N VAL A 117 -17.95 -8.64 -14.67
CA VAL A 117 -16.74 -7.90 -14.29
C VAL A 117 -17.04 -6.41 -14.30
N CYS A 118 -16.62 -5.71 -13.24
CA CYS A 118 -16.77 -4.26 -13.16
C CYS A 118 -15.40 -3.59 -13.22
N PRO A 119 -14.89 -3.23 -14.39
CA PRO A 119 -13.65 -2.45 -14.46
C PRO A 119 -13.93 -1.00 -14.08
N MET A 120 -12.85 -0.29 -13.68
CA MET A 120 -13.01 1.12 -13.34
C MET A 120 -13.27 1.94 -14.60
N LYS A 121 -14.09 2.98 -14.46
CA LYS A 121 -14.34 3.97 -15.51
C LYS A 121 -14.81 3.29 -16.80
N SER A 122 -15.68 2.29 -16.64
CA SER A 122 -16.12 1.46 -17.75
C SER A 122 -17.54 0.98 -17.48
N ALA A 123 -18.26 0.67 -18.55
CA ALA A 123 -19.45 -0.17 -18.42
C ALA A 123 -19.07 -1.52 -17.82
N PRO A 124 -19.99 -2.20 -17.13
CA PRO A 124 -19.72 -3.57 -16.70
C PRO A 124 -19.62 -4.48 -17.93
N VAL A 125 -18.95 -5.61 -17.74
CA VAL A 125 -18.62 -6.54 -18.82
C VAL A 125 -19.04 -7.94 -18.40
N MET A 126 -19.71 -8.66 -19.30
CA MET A 126 -20.08 -10.05 -19.05
C MET A 126 -19.15 -10.95 -19.86
N LEU A 127 -18.45 -11.83 -19.17
CA LEU A 127 -17.60 -12.83 -19.82
C LEU A 127 -18.36 -14.13 -19.95
N THR A 128 -18.15 -14.84 -21.05
CA THR A 128 -18.57 -16.23 -21.18
C THR A 128 -17.32 -17.09 -21.29
N LEU A 129 -17.16 -18.01 -20.35
CA LEU A 129 -15.87 -18.70 -20.22
C LEU A 129 -15.67 -19.75 -21.30
N SER A 130 -16.75 -20.42 -21.72
CA SER A 130 -16.61 -21.51 -22.68
C SER A 130 -16.04 -21.04 -24.01
N ASP A 131 -16.30 -19.80 -24.39
CA ASP A 131 -15.73 -19.27 -25.63
C ASP A 131 -14.88 -18.03 -25.43
N SER A 132 -14.67 -17.57 -24.19
CA SER A 132 -13.81 -16.43 -23.87
C SER A 132 -14.29 -15.14 -24.52
N LYS A 133 -15.57 -15.03 -24.82
CA LYS A 133 -16.09 -13.80 -25.41
C LYS A 133 -16.63 -12.88 -24.30
N HIS A 134 -16.89 -11.63 -24.66
CA HIS A 134 -17.37 -10.66 -23.70
C HIS A 134 -18.42 -9.78 -24.36
N VAL A 135 -19.32 -9.24 -23.54
CA VAL A 135 -20.33 -8.29 -23.97
C VAL A 135 -20.28 -7.11 -23.01
N VAL A 136 -20.31 -5.90 -23.56
CA VAL A 136 -20.30 -4.69 -22.76
C VAL A 136 -21.74 -4.32 -22.42
N LEU A 137 -22.06 -4.21 -21.13
CA LEU A 137 -23.42 -3.94 -20.72
C LEU A 137 -23.77 -2.47 -20.93
N PRO A 138 -25.06 -2.15 -21.04
CA PRO A 138 -25.45 -0.75 -21.26
C PRO A 138 -25.23 0.09 -20.01
N VAL A 139 -25.14 1.41 -20.23
CA VAL A 139 -24.96 2.37 -19.15
C VAL A 139 -25.90 3.54 -19.38
N ASP A 140 -26.14 4.29 -18.31
CA ASP A 140 -26.93 5.52 -18.36
C ASP A 140 -26.02 6.71 -18.06
N ASP A 141 -26.53 7.91 -18.35
CA ASP A 141 -25.90 9.19 -18.02
C ASP A 141 -24.67 9.45 -18.89
N ASP A 142 -23.57 8.77 -18.60
CA ASP A 142 -22.31 8.99 -19.30
C ASP A 142 -21.57 7.66 -19.40
N SER A 143 -20.76 7.54 -20.46
CA SER A 143 -20.03 6.30 -20.69
C SER A 143 -18.82 6.12 -19.76
N ASP A 144 -18.41 7.17 -19.05
CA ASP A 144 -17.12 7.21 -18.38
C ASP A 144 -17.21 7.17 -16.85
N LEU A 145 -18.38 6.87 -16.30
CA LEU A 145 -18.51 6.87 -14.85
C LEU A 145 -18.05 5.53 -14.29
N ASN A 146 -17.65 5.55 -13.01
CA ASN A 146 -17.50 4.28 -12.30
C ASN A 146 -18.87 3.67 -12.09
N VAL A 147 -19.00 2.39 -12.43
CA VAL A 147 -20.24 1.63 -12.34
C VAL A 147 -19.94 0.35 -11.57
N VAL A 148 -20.76 0.06 -10.56
CA VAL A 148 -20.73 -1.21 -9.86
C VAL A 148 -22.01 -1.97 -10.22
N ALA A 149 -21.96 -3.28 -10.05
CA ALA A 149 -23.08 -4.11 -10.53
C ALA A 149 -23.12 -5.38 -9.71
N SER A 150 -24.31 -5.98 -9.65
CA SER A 150 -24.49 -7.26 -8.96
C SER A 150 -25.64 -8.01 -9.62
N PHE A 151 -25.47 -9.32 -9.78
CA PHE A 151 -26.61 -10.20 -10.04
C PHE A 151 -27.57 -10.16 -8.86
N ASP A 152 -28.86 -10.34 -9.12
CA ASP A 152 -29.77 -10.60 -8.02
C ASP A 152 -29.61 -12.05 -7.58
N ARG A 153 -30.43 -12.50 -6.63
CA ARG A 153 -30.20 -13.80 -5.98
C ARG A 153 -30.19 -14.93 -7.00
N ARG A 154 -31.17 -14.96 -7.91
CA ARG A 154 -31.24 -16.01 -8.92
C ARG A 154 -30.42 -15.71 -10.17
N GLY A 155 -29.80 -14.53 -10.24
CA GLY A 155 -29.12 -14.15 -11.48
C GLY A 155 -30.05 -13.83 -12.63
N GLU A 156 -31.35 -13.67 -12.37
CA GLU A 156 -32.28 -13.37 -13.46
C GLU A 156 -32.16 -11.91 -13.90
N TYR A 157 -31.71 -11.05 -12.99
CA TYR A 157 -31.46 -9.65 -13.30
C TYR A 157 -30.06 -9.23 -12.87
N ILE A 158 -29.56 -8.18 -13.52
CA ILE A 158 -28.33 -7.49 -13.15
C ILE A 158 -28.70 -6.08 -12.75
N TYR A 159 -28.32 -5.67 -11.54
CA TYR A 159 -28.52 -4.30 -11.06
C TYR A 159 -27.20 -3.56 -11.19
N THR A 160 -27.20 -2.41 -11.87
CA THR A 160 -26.01 -1.57 -11.91
C THR A 160 -26.28 -0.25 -11.21
N GLY A 161 -25.21 0.38 -10.70
CA GLY A 161 -25.35 1.69 -10.09
C GLY A 161 -24.13 2.54 -10.42
N ASN A 162 -24.32 3.80 -10.78
CA ASN A 162 -23.22 4.61 -11.28
C ASN A 162 -22.93 5.75 -10.30
N ALA A 163 -21.87 6.50 -10.63
CA ALA A 163 -21.40 7.55 -9.73
C ALA A 163 -22.37 8.73 -9.63
N LYS A 164 -23.46 8.74 -10.39
CA LYS A 164 -24.48 9.77 -10.25
C LYS A 164 -25.76 9.23 -9.60
N GLY A 165 -25.66 8.06 -8.97
CA GLY A 165 -26.78 7.49 -8.24
C GLY A 165 -27.81 6.78 -9.09
N LYS A 166 -27.54 6.55 -10.37
CA LYS A 166 -28.52 5.90 -11.23
C LYS A 166 -28.44 4.39 -11.07
N ILE A 167 -29.57 3.76 -10.73
CA ILE A 167 -29.70 2.31 -10.66
C ILE A 167 -30.45 1.82 -11.89
N LEU A 168 -29.85 0.87 -12.60
CA LEU A 168 -30.48 0.21 -13.74
C LEU A 168 -30.71 -1.26 -13.39
N VAL A 169 -31.87 -1.78 -13.81
CA VAL A 169 -32.18 -3.19 -13.63
C VAL A 169 -32.33 -3.80 -15.02
N LEU A 170 -31.44 -4.71 -15.37
CA LEU A 170 -31.38 -5.33 -16.68
C LEU A 170 -31.77 -6.79 -16.57
N LYS A 171 -32.55 -7.27 -17.54
CA LYS A 171 -32.76 -8.70 -17.64
C LYS A 171 -31.43 -9.34 -18.06
N THR A 172 -31.01 -10.37 -17.33
CA THR A 172 -29.67 -10.92 -17.56
C THR A 172 -29.50 -11.45 -18.98
N ASP A 173 -30.49 -12.16 -19.49
CA ASP A 173 -30.26 -12.79 -20.78
C ASP A 173 -30.32 -11.78 -21.93
N SER A 174 -31.33 -10.92 -21.91
CA SER A 174 -31.59 -10.02 -23.04
C SER A 174 -31.01 -8.62 -22.86
N GLN A 175 -30.58 -8.26 -21.65
CA GLN A 175 -30.14 -6.92 -21.28
C GLN A 175 -31.23 -5.86 -21.40
N ASP A 176 -32.50 -6.27 -21.52
CA ASP A 176 -33.57 -5.28 -21.55
C ASP A 176 -33.62 -4.52 -20.23
N LEU A 177 -33.84 -3.21 -20.30
CA LEU A 177 -33.95 -2.38 -19.09
C LEU A 177 -35.37 -2.50 -18.57
N VAL A 178 -35.56 -3.20 -17.45
CA VAL A 178 -36.91 -3.42 -16.94
C VAL A 178 -37.31 -2.40 -15.87
N ALA A 179 -36.35 -1.77 -15.21
CA ALA A 179 -36.68 -0.80 -14.18
C ALA A 179 -35.44 0.06 -13.95
N SER A 180 -35.68 1.27 -13.43
CA SER A 180 -34.56 2.13 -13.08
C SER A 180 -35.04 3.19 -12.10
N PHE A 181 -34.09 3.76 -11.35
CA PHE A 181 -34.38 4.89 -10.49
C PHE A 181 -33.07 5.56 -10.13
N ARG A 182 -33.16 6.76 -9.58
CA ARG A 182 -32.00 7.52 -9.17
C ARG A 182 -32.07 7.76 -7.66
N VAL A 183 -30.99 7.43 -6.96
CA VAL A 183 -30.87 7.77 -5.55
C VAL A 183 -30.38 9.20 -5.41
N THR A 184 -31.10 10.00 -4.64
CA THR A 184 -30.72 11.38 -4.38
C THR A 184 -30.76 11.65 -2.87
N THR A 185 -30.01 12.66 -2.46
CA THR A 185 -29.91 13.03 -1.06
C THR A 185 -31.13 13.84 -0.66
N GLY A 186 -31.17 14.25 0.61
CA GLY A 186 -32.17 15.21 1.04
C GLY A 186 -32.04 16.52 0.28
N THR A 187 -30.80 16.96 0.03
CA THR A 187 -30.52 18.14 -0.78
C THR A 187 -30.85 17.94 -2.25
N SER A 188 -31.37 16.76 -2.62
CA SER A 188 -31.67 16.39 -4.00
C SER A 188 -30.45 16.46 -4.92
N ASN A 189 -29.25 16.46 -4.34
CA ASN A 189 -28.05 16.27 -5.15
C ASN A 189 -27.85 14.78 -5.42
N THR A 190 -26.97 14.48 -6.38
CA THR A 190 -26.72 13.07 -6.63
C THR A 190 -25.72 12.51 -5.63
N THR A 191 -25.78 11.20 -5.44
CA THR A 191 -24.83 10.54 -4.56
C THR A 191 -24.39 9.27 -5.27
N ALA A 192 -23.08 9.02 -5.26
CA ALA A 192 -22.54 7.87 -5.99
C ALA A 192 -22.94 6.55 -5.33
N ILE A 193 -23.23 5.55 -6.16
CA ILE A 193 -23.46 4.19 -5.67
C ILE A 193 -22.12 3.52 -5.44
N LYS A 194 -21.88 3.07 -4.21
CA LYS A 194 -20.61 2.42 -3.87
C LYS A 194 -20.70 0.90 -3.98
N SER A 195 -21.85 0.32 -3.62
CA SER A 195 -21.99 -1.12 -3.74
C SER A 195 -23.47 -1.47 -3.74
N ILE A 196 -23.75 -2.63 -4.33
CA ILE A 196 -25.07 -3.23 -4.35
C ILE A 196 -24.90 -4.66 -3.88
N GLU A 197 -25.67 -5.06 -2.85
CA GLU A 197 -25.51 -6.37 -2.21
C GLU A 197 -26.88 -7.01 -2.06
N PHE A 198 -27.00 -8.28 -2.43
CA PHE A 198 -28.25 -9.01 -2.34
C PHE A 198 -28.20 -10.04 -1.22
N ALA A 199 -29.36 -10.32 -0.64
CA ALA A 199 -29.51 -11.39 0.35
C ALA A 199 -29.52 -12.77 -0.31
N ARG A 200 -29.01 -13.78 0.41
CA ARG A 200 -29.02 -15.13 -0.12
C ARG A 200 -30.40 -15.79 -0.09
N LYS A 201 -31.36 -15.17 0.58
CA LYS A 201 -32.74 -15.66 0.62
C LYS A 201 -33.66 -14.49 0.33
N GLY A 202 -34.80 -14.79 -0.30
CA GLY A 202 -35.76 -13.72 -0.54
C GLY A 202 -35.32 -12.81 -1.68
N SER A 203 -35.82 -11.57 -1.65
CA SER A 203 -35.69 -10.67 -2.78
C SER A 203 -35.12 -9.30 -2.41
N CYS A 204 -34.65 -9.13 -1.18
CA CYS A 204 -34.19 -7.82 -0.75
C CYS A 204 -32.72 -7.60 -1.10
N PHE A 205 -32.35 -6.34 -1.25
CA PHE A 205 -30.97 -5.96 -1.50
C PHE A 205 -30.71 -4.64 -0.80
N LEU A 206 -29.45 -4.25 -0.76
CA LEU A 206 -29.10 -2.96 -0.19
C LEU A 206 -28.21 -2.21 -1.17
N ILE A 207 -28.21 -0.88 -1.00
CA ILE A 207 -27.33 0.00 -1.74
C ILE A 207 -26.55 0.81 -0.73
N ASN A 208 -25.23 0.84 -0.90
CA ASN A 208 -24.36 1.71 -0.12
C ASN A 208 -23.96 2.90 -1.00
N THR A 209 -24.20 4.11 -0.50
CA THR A 209 -23.94 5.31 -1.28
C THR A 209 -23.00 6.24 -0.54
N ALA A 210 -22.53 7.24 -1.29
CA ALA A 210 -21.55 8.17 -0.77
C ALA A 210 -22.12 9.09 0.30
N ASP A 211 -23.45 9.18 0.41
CA ASP A 211 -24.04 9.97 1.50
C ASP A 211 -24.11 9.20 2.81
N ARG A 212 -23.51 8.01 2.85
CA ARG A 212 -23.29 7.22 4.05
C ARG A 212 -24.59 6.65 4.62
N ILE A 213 -25.59 6.49 3.77
CA ILE A 213 -26.84 5.85 4.14
C ILE A 213 -26.92 4.52 3.38
N ILE A 214 -27.19 3.44 4.11
CA ILE A 214 -27.47 2.16 3.49
C ILE A 214 -28.97 2.07 3.25
N ARG A 215 -29.36 1.95 1.99
CA ARG A 215 -30.78 1.90 1.62
C ARG A 215 -31.14 0.46 1.28
N VAL A 216 -32.23 -0.02 1.88
CA VAL A 216 -32.67 -1.40 1.73
C VAL A 216 -33.98 -1.40 0.95
N TYR A 217 -34.05 -2.23 -0.08
CA TYR A 217 -35.23 -2.32 -0.93
C TYR A 217 -35.61 -3.77 -1.12
N ASP A 218 -36.85 -3.96 -1.53
CA ASP A 218 -37.34 -5.24 -2.03
C ASP A 218 -37.28 -5.21 -3.55
N GLY A 219 -36.51 -6.12 -4.15
CA GLY A 219 -36.42 -6.17 -5.60
C GLY A 219 -37.76 -6.30 -6.28
N ARG A 220 -38.73 -6.97 -5.63
CA ARG A 220 -40.06 -7.09 -6.23
C ARG A 220 -40.75 -5.73 -6.35
N GLU A 221 -40.53 -4.85 -5.37
CA GLU A 221 -41.05 -3.48 -5.49
C GLU A 221 -40.34 -2.71 -6.60
N ILE A 222 -39.04 -2.94 -6.77
CA ILE A 222 -38.29 -2.21 -7.80
C ILE A 222 -38.85 -2.54 -9.17
N LEU A 223 -39.13 -3.82 -9.42
CA LEU A 223 -39.63 -4.22 -10.73
C LEU A 223 -41.01 -3.62 -11.01
N THR A 224 -41.84 -3.48 -9.97
CA THR A 224 -43.18 -2.94 -10.21
C THR A 224 -43.17 -1.42 -10.40
N CYS A 225 -42.12 -0.73 -9.95
CA CYS A 225 -42.05 0.72 -10.18
C CYS A 225 -41.56 1.06 -11.59
N GLY A 226 -40.89 0.13 -12.27
CA GLY A 226 -40.57 0.31 -13.67
C GLY A 226 -39.44 1.31 -13.91
N ARG A 227 -39.41 1.83 -15.14
CA ARG A 227 -38.35 2.76 -15.54
C ARG A 227 -38.59 4.15 -14.93
N ASP A 228 -37.50 4.77 -14.50
CA ASP A 228 -37.52 6.09 -13.86
C ASP A 228 -38.55 6.13 -12.74
N GLY A 229 -38.60 5.04 -11.96
CA GLY A 229 -39.48 4.98 -10.82
C GLY A 229 -38.95 5.77 -9.63
N GLU A 230 -39.78 5.87 -8.61
CA GLU A 230 -39.38 6.48 -7.34
C GLU A 230 -39.69 5.54 -6.19
N PRO A 231 -39.01 4.39 -6.14
CA PRO A 231 -39.30 3.43 -5.06
C PRO A 231 -38.82 3.97 -3.73
N GLU A 232 -39.59 3.67 -2.68
CA GLU A 232 -39.17 4.14 -1.36
C GLU A 232 -38.40 3.04 -0.65
N PRO A 233 -37.23 3.34 -0.08
CA PRO A 233 -36.46 2.30 0.63
C PRO A 233 -37.25 1.76 1.81
N MET A 234 -37.06 0.47 2.08
CA MET A 234 -37.67 -0.15 3.25
C MET A 234 -37.02 0.33 4.53
N GLN A 235 -35.71 0.57 4.49
CA GLN A 235 -34.96 1.06 5.63
C GLN A 235 -33.86 1.95 5.10
N LYS A 236 -33.42 2.90 5.93
CA LYS A 236 -32.26 3.74 5.66
C LYS A 236 -31.37 3.66 6.89
N LEU A 237 -30.24 2.97 6.77
CA LEU A 237 -29.40 2.69 7.93
C LEU A 237 -28.23 3.66 7.94
N GLN A 238 -27.98 4.29 9.09
CA GLN A 238 -26.88 5.23 9.15
C GLN A 238 -26.57 5.52 10.61
N ASP A 239 -25.38 6.04 10.85
CA ASP A 239 -24.98 6.54 12.16
C ASP A 239 -25.17 8.05 12.14
N LEU A 240 -26.19 8.54 12.86
CA LEU A 240 -26.52 9.96 12.84
C LEU A 240 -25.58 10.82 13.66
N VAL A 241 -24.74 10.21 14.48
CA VAL A 241 -23.87 10.94 15.39
C VAL A 241 -22.47 11.07 14.82
N ASN A 242 -21.94 9.97 14.31
CA ASN A 242 -20.59 9.91 13.79
C ASN A 242 -20.52 10.05 12.28
N ARG A 243 -21.65 9.92 11.58
CA ARG A 243 -21.68 10.11 10.12
C ARG A 243 -20.72 9.14 9.44
N THR A 244 -20.73 7.91 9.92
CA THR A 244 -19.84 6.84 9.49
C THR A 244 -20.03 6.47 8.02
N PRO A 245 -19.01 6.57 7.17
CA PRO A 245 -19.08 5.96 5.85
C PRO A 245 -18.85 4.46 5.94
N TRP A 246 -19.41 3.72 4.99
CA TRP A 246 -19.42 2.27 5.05
C TRP A 246 -18.48 1.69 4.00
N LYS A 247 -17.57 0.83 4.43
CA LYS A 247 -16.63 0.15 3.54
C LYS A 247 -17.29 -0.99 2.81
N LYS A 248 -18.06 -1.79 3.53
CA LYS A 248 -18.63 -3.00 2.95
C LYS A 248 -19.84 -3.39 3.78
N CYS A 249 -20.88 -3.86 3.11
CA CYS A 249 -22.11 -4.31 3.78
C CYS A 249 -22.45 -5.73 3.33
N CYS A 250 -23.11 -6.49 4.20
CA CYS A 250 -23.47 -7.87 3.89
C CYS A 250 -24.75 -8.22 4.62
N PHE A 251 -25.57 -9.09 4.02
CA PHE A 251 -26.72 -9.68 4.69
C PHE A 251 -26.32 -10.95 5.42
N SER A 252 -27.00 -11.23 6.53
CA SER A 252 -26.98 -12.55 7.12
C SER A 252 -27.56 -13.57 6.13
N GLY A 253 -27.34 -14.85 6.40
CA GLY A 253 -27.70 -15.86 5.43
C GLY A 253 -29.18 -16.01 5.20
N ASP A 254 -30.00 -15.65 6.19
CA ASP A 254 -31.44 -15.66 6.03
C ASP A 254 -31.99 -14.29 5.65
N GLY A 255 -31.12 -13.31 5.43
CA GLY A 255 -31.54 -11.97 5.05
C GLY A 255 -32.21 -11.16 6.14
N GLU A 256 -32.19 -11.63 7.40
CA GLU A 256 -32.87 -10.91 8.48
C GLU A 256 -32.02 -9.83 9.12
N TYR A 257 -30.70 -9.85 8.91
CA TYR A 257 -29.79 -8.87 9.50
C TYR A 257 -28.88 -8.33 8.42
N ILE A 258 -28.32 -7.15 8.70
CA ILE A 258 -27.35 -6.52 7.83
C ILE A 258 -26.17 -6.12 8.70
N VAL A 259 -24.96 -6.41 8.23
CA VAL A 259 -23.75 -5.91 8.89
C VAL A 259 -23.10 -4.92 7.94
N ALA A 260 -22.60 -3.82 8.50
CA ALA A 260 -21.85 -2.86 7.71
C ALA A 260 -20.58 -2.51 8.45
N GLY A 261 -19.45 -2.57 7.75
CA GLY A 261 -18.16 -2.24 8.32
C GLY A 261 -17.84 -0.78 8.07
N SER A 262 -17.49 -0.07 9.14
CA SER A 262 -17.12 1.33 9.05
C SER A 262 -15.82 1.50 8.27
N ALA A 263 -15.77 2.52 7.41
CA ALA A 263 -14.57 2.84 6.66
C ALA A 263 -13.63 3.75 7.45
N ARG A 264 -14.02 4.17 8.65
CA ARG A 264 -13.19 5.05 9.46
C ARG A 264 -12.68 4.35 10.72
N GLN A 265 -13.55 3.77 11.52
CA GLN A 265 -13.12 3.00 12.67
C GLN A 265 -13.27 1.51 12.42
N HIS A 266 -12.61 0.72 13.26
CA HIS A 266 -12.66 -0.75 13.19
C HIS A 266 -13.93 -1.19 13.92
N ALA A 267 -15.06 -1.07 13.23
CA ALA A 267 -16.36 -1.28 13.87
C ALA A 267 -17.32 -1.89 12.88
N LEU A 268 -18.04 -2.91 13.33
CA LEU A 268 -19.08 -3.58 12.54
C LEU A 268 -20.44 -3.29 13.16
N TYR A 269 -21.33 -2.65 12.41
CA TYR A 269 -22.67 -2.33 12.88
C TYR A 269 -23.62 -3.40 12.36
N ILE A 270 -24.50 -3.88 13.24
CA ILE A 270 -25.45 -4.92 12.86
C ILE A 270 -26.86 -4.40 13.12
N TRP A 271 -27.69 -4.41 12.07
CA TRP A 271 -29.08 -3.97 12.16
C TRP A 271 -30.01 -5.13 11.85
N GLU A 272 -31.16 -5.15 12.53
CA GLU A 272 -32.24 -6.03 12.12
C GLU A 272 -32.94 -5.44 10.92
N LYS A 273 -33.09 -6.25 9.88
CA LYS A 273 -33.43 -5.71 8.56
C LYS A 273 -34.89 -5.23 8.51
N SER A 274 -35.82 -5.98 9.08
CA SER A 274 -37.22 -5.63 8.88
C SER A 274 -37.66 -4.47 9.76
N ILE A 275 -37.01 -4.27 10.90
CA ILE A 275 -37.40 -3.23 11.85
C ILE A 275 -36.46 -2.05 11.71
N GLY A 276 -35.23 -2.31 11.32
CA GLY A 276 -34.23 -1.28 11.16
C GLY A 276 -33.49 -0.89 12.42
N ASN A 277 -33.60 -1.65 13.47
CA ASN A 277 -32.89 -1.31 14.67
C ASN A 277 -31.46 -1.79 14.70
N LEU A 278 -30.63 -0.98 15.29
CA LEU A 278 -29.26 -1.30 15.49
C LEU A 278 -29.20 -2.27 16.65
N VAL A 279 -28.72 -3.46 16.43
CA VAL A 279 -28.65 -4.43 17.49
C VAL A 279 -27.33 -4.55 18.23
N LYS A 280 -26.25 -4.24 17.55
CA LYS A 280 -24.93 -4.51 18.05
C LYS A 280 -23.94 -3.66 17.29
N ILE A 281 -22.92 -3.21 17.97
CA ILE A 281 -21.69 -2.82 17.34
C ILE A 281 -20.53 -3.63 17.87
N LEU A 282 -19.79 -4.22 16.97
CA LEU A 282 -18.60 -4.98 17.28
C LEU A 282 -17.37 -4.14 17.03
N HIS A 283 -16.52 -4.05 18.05
CA HIS A 283 -15.37 -3.16 18.01
C HIS A 283 -14.09 -3.98 17.90
N GLY A 284 -13.35 -3.77 16.82
CA GLY A 284 -12.07 -4.42 16.65
C GLY A 284 -10.96 -3.63 17.31
N THR A 285 -9.75 -4.15 17.15
CA THR A 285 -8.57 -3.46 17.66
C THR A 285 -8.54 -2.02 17.16
N ARG A 286 -8.34 -1.11 18.09
CA ARG A 286 -8.31 0.31 17.78
C ARG A 286 -7.21 0.64 16.77
N GLY A 287 -7.52 1.55 15.85
CA GLY A 287 -6.53 2.07 14.93
C GLY A 287 -6.44 1.35 13.60
N GLU A 288 -7.04 0.18 13.46
CA GLU A 288 -6.94 -0.61 12.24
C GLU A 288 -8.06 -0.25 11.28
N LEU A 289 -7.80 -0.40 9.98
CA LEU A 289 -8.77 -0.10 8.94
C LEU A 289 -9.42 -1.38 8.43
N LEU A 290 -10.74 -1.40 8.40
CA LEU A 290 -11.47 -2.53 7.83
C LEU A 290 -11.37 -2.51 6.32
N LEU A 291 -11.17 -3.69 5.72
CA LEU A 291 -11.18 -3.79 4.26
C LEU A 291 -12.33 -4.60 3.70
N ASP A 292 -12.87 -5.53 4.48
CA ASP A 292 -13.89 -6.43 3.97
C ASP A 292 -14.63 -7.03 5.15
N VAL A 293 -15.84 -7.51 4.85
CA VAL A 293 -16.71 -8.19 5.81
C VAL A 293 -17.48 -9.24 5.05
N ALA A 294 -17.70 -10.40 5.70
CA ALA A 294 -18.48 -11.48 5.11
C ALA A 294 -19.27 -12.16 6.22
N TRP A 295 -20.57 -12.36 6.00
CA TRP A 295 -21.42 -13.06 6.95
C TRP A 295 -21.58 -14.51 6.49
N HIS A 296 -21.31 -15.45 7.37
CA HIS A 296 -21.42 -16.86 7.05
C HIS A 296 -22.81 -17.17 6.48
N PRO A 297 -22.92 -18.04 5.48
CA PRO A 297 -24.24 -18.29 4.85
C PRO A 297 -25.25 -19.01 5.73
N VAL A 298 -24.82 -19.67 6.82
CA VAL A 298 -25.73 -20.48 7.62
C VAL A 298 -25.76 -20.04 9.07
N ARG A 299 -24.62 -19.66 9.63
CA ARG A 299 -24.52 -19.48 11.07
C ARG A 299 -24.30 -18.02 11.43
N PRO A 300 -24.55 -17.63 12.71
CA PRO A 300 -24.28 -16.24 13.12
C PRO A 300 -22.79 -16.02 13.38
N ILE A 301 -22.03 -16.04 12.29
CA ILE A 301 -20.58 -15.88 12.30
C ILE A 301 -20.22 -14.86 11.25
N ILE A 302 -19.37 -13.90 11.61
CA ILE A 302 -18.96 -12.87 10.65
C ILE A 302 -17.45 -12.88 10.58
N ALA A 303 -16.91 -12.77 9.38
CA ALA A 303 -15.49 -12.59 9.17
C ALA A 303 -15.22 -11.17 8.71
N SER A 304 -14.20 -10.53 9.28
CA SER A 304 -13.80 -9.19 8.82
C SER A 304 -12.28 -9.14 8.65
N ILE A 305 -11.82 -8.25 7.78
CA ILE A 305 -10.40 -8.14 7.46
C ILE A 305 -9.90 -6.77 7.88
N SER A 306 -8.82 -6.76 8.65
CA SER A 306 -8.12 -5.54 8.99
C SER A 306 -6.67 -5.88 9.30
N SER A 307 -5.78 -4.97 8.94
CA SER A 307 -4.36 -5.14 9.21
C SER A 307 -3.86 -6.52 8.76
N GLY A 308 -4.37 -6.98 7.61
CA GLY A 308 -3.85 -8.20 7.01
C GLY A 308 -4.33 -9.49 7.64
N VAL A 309 -5.30 -9.41 8.55
CA VAL A 309 -5.74 -10.53 9.36
C VAL A 309 -7.24 -10.68 9.24
N VAL A 310 -7.72 -11.93 9.13
CA VAL A 310 -9.15 -12.21 9.21
C VAL A 310 -9.53 -12.39 10.67
N SER A 311 -10.44 -11.56 11.16
CA SER A 311 -11.00 -11.72 12.49
C SER A 311 -12.34 -12.44 12.36
N ILE A 312 -12.65 -13.30 13.34
CA ILE A 312 -13.91 -14.05 13.36
C ILE A 312 -14.73 -13.57 14.54
N TRP A 313 -16.02 -13.30 14.31
CA TRP A 313 -16.93 -12.88 15.36
C TRP A 313 -18.03 -13.94 15.48
N ALA A 314 -18.26 -14.44 16.69
CA ALA A 314 -19.27 -15.48 16.84
C ALA A 314 -20.10 -15.19 18.08
N GLN A 315 -21.17 -15.97 18.28
CA GLN A 315 -21.89 -15.84 19.54
C GLN A 315 -21.34 -16.76 20.62
N ASN A 316 -20.07 -17.16 20.50
CA ASN A 316 -19.43 -18.04 21.45
C ASN A 316 -19.22 -17.37 22.81
N ASN B 4 29.77 11.87 -15.99
CA ASN B 4 28.64 12.52 -16.62
C ASN B 4 27.39 12.54 -15.71
N TYR B 5 26.26 12.93 -16.30
CA TYR B 5 25.02 13.20 -15.56
C TYR B 5 23.87 13.09 -16.54
N PRO B 6 22.70 12.64 -16.09
CA PRO B 6 21.55 12.55 -17.00
C PRO B 6 21.08 13.93 -17.42
N GLU B 7 20.33 13.94 -18.52
CA GLU B 7 19.82 15.19 -19.05
C GLU B 7 18.37 15.15 -19.52
N GLU B 8 17.71 13.99 -19.50
CA GLU B 8 16.36 13.92 -20.05
C GLU B 8 15.60 12.76 -19.43
N ALA B 9 14.27 12.86 -19.50
CA ALA B 9 13.42 11.81 -18.97
C ALA B 9 13.54 10.55 -19.83
N ASP B 10 13.46 9.38 -19.19
CA ASP B 10 13.73 8.12 -19.88
C ASP B 10 12.80 7.01 -19.40
N GLY B 11 11.55 7.34 -19.11
CA GLY B 11 10.58 6.31 -18.78
C GLY B 11 10.35 6.17 -17.30
N THR B 12 9.40 5.30 -16.95
CA THR B 12 8.96 5.17 -15.57
C THR B 12 8.83 3.70 -15.23
N LEU B 13 8.77 3.43 -13.92
CA LEU B 13 8.56 2.09 -13.37
C LEU B 13 7.25 2.10 -12.61
N ASP B 14 6.32 1.26 -13.01
CA ASP B 14 4.98 1.22 -12.42
C ASP B 14 4.91 0.09 -11.40
N CYS B 15 4.88 0.45 -10.11
CA CYS B 15 4.80 -0.55 -9.04
C CYS B 15 3.37 -1.03 -8.77
N ILE B 16 2.39 -0.46 -9.45
CA ILE B 16 0.95 -0.71 -9.30
C ILE B 16 0.45 0.01 -8.06
N SER B 17 1.01 -0.30 -6.88
CA SER B 17 0.75 0.58 -5.75
C SER B 17 1.71 1.78 -5.84
N MET B 18 1.66 2.68 -4.86
CA MET B 18 2.32 3.99 -4.99
C MET B 18 3.73 3.94 -4.41
N ALA B 19 4.72 4.26 -5.25
CA ALA B 19 6.10 4.27 -4.79
C ALA B 19 6.34 5.43 -3.82
N LEU B 20 7.14 5.18 -2.77
CA LEU B 20 7.46 6.24 -1.81
C LEU B 20 8.97 6.42 -1.60
N THR B 21 9.76 5.36 -1.68
CA THR B 21 11.18 5.45 -1.39
C THR B 21 11.89 4.39 -2.21
N CYS B 22 13.16 4.61 -2.54
CA CYS B 22 13.84 3.61 -3.36
C CYS B 22 15.35 3.67 -3.12
N THR B 23 16.03 2.54 -3.39
CA THR B 23 17.47 2.44 -3.16
C THR B 23 18.06 1.36 -4.05
N PHE B 24 19.23 1.66 -4.62
CA PHE B 24 19.98 0.68 -5.41
C PHE B 24 20.83 -0.23 -4.53
N ASN B 25 21.03 -1.47 -4.97
CA ASN B 25 22.07 -2.28 -4.33
C ASN B 25 23.43 -1.75 -4.78
N ARG B 26 24.49 -2.34 -4.21
CA ARG B 26 25.85 -1.82 -4.41
C ARG B 26 26.23 -1.72 -5.88
N TRP B 27 25.77 -2.68 -6.69
CA TRP B 27 26.17 -2.76 -8.08
C TRP B 27 25.19 -2.05 -9.01
N GLY B 28 24.07 -1.58 -8.49
CA GLY B 28 23.05 -0.94 -9.29
C GLY B 28 22.29 -1.87 -10.21
N THR B 29 22.32 -3.19 -9.95
CA THR B 29 21.57 -4.14 -10.75
C THR B 29 20.12 -4.30 -10.29
N LEU B 30 19.80 -3.93 -9.05
CA LEU B 30 18.46 -4.03 -8.49
C LEU B 30 18.08 -2.70 -7.85
N LEU B 31 16.82 -2.29 -8.03
CA LEU B 31 16.30 -1.10 -7.38
C LEU B 31 15.13 -1.54 -6.51
N ALA B 32 15.26 -1.40 -5.20
CA ALA B 32 14.18 -1.74 -4.27
C ALA B 32 13.32 -0.51 -4.07
N VAL B 33 12.02 -0.67 -4.27
CA VAL B 33 11.08 0.45 -4.17
C VAL B 33 10.06 0.12 -3.09
N GLY B 34 10.01 0.95 -2.05
CA GLY B 34 9.03 0.76 -0.97
C GLY B 34 7.78 1.57 -1.26
N CYS B 35 6.62 0.96 -1.06
CA CYS B 35 5.34 1.50 -1.51
C CYS B 35 4.36 1.76 -0.36
N ASN B 36 3.30 2.51 -0.69
CA ASN B 36 2.33 2.92 0.31
C ASN B 36 1.51 1.75 0.86
N ASP B 37 1.51 0.62 0.17
CA ASP B 37 0.76 -0.53 0.67
C ASP B 37 1.66 -1.51 1.42
N GLY B 38 2.87 -1.09 1.78
CA GLY B 38 3.76 -1.92 2.56
C GLY B 38 4.58 -2.90 1.74
N ARG B 39 4.42 -2.92 0.42
CA ARG B 39 5.20 -3.85 -0.40
C ARG B 39 6.52 -3.22 -0.78
N ILE B 40 7.52 -4.07 -1.00
CA ILE B 40 8.81 -3.68 -1.55
C ILE B 40 8.89 -4.33 -2.93
N VAL B 41 8.86 -3.54 -3.98
CA VAL B 41 8.95 -4.04 -5.34
C VAL B 41 10.41 -3.93 -5.74
N ILE B 42 11.05 -5.07 -6.00
CA ILE B 42 12.46 -5.10 -6.36
C ILE B 42 12.54 -5.26 -7.87
N TRP B 43 13.10 -4.26 -8.54
CA TRP B 43 13.20 -4.20 -9.98
C TRP B 43 14.56 -4.70 -10.42
N ASP B 44 14.55 -5.53 -11.46
CA ASP B 44 15.72 -5.80 -12.27
C ASP B 44 15.99 -4.52 -13.06
N PHE B 45 16.96 -3.73 -12.61
CA PHE B 45 17.14 -2.41 -13.19
C PHE B 45 17.78 -2.49 -14.57
N LEU B 46 18.45 -3.61 -14.87
CA LEU B 46 19.03 -3.77 -16.20
C LEU B 46 17.96 -3.91 -17.28
N THR B 47 16.82 -4.52 -16.95
CA THR B 47 15.78 -4.73 -17.96
C THR B 47 14.47 -4.04 -17.61
N ARG B 48 14.41 -3.37 -16.45
CA ARG B 48 13.21 -2.69 -15.97
C ARG B 48 12.02 -3.63 -15.89
N GLY B 49 12.27 -4.83 -15.38
CA GLY B 49 11.20 -5.77 -15.07
C GLY B 49 11.21 -6.04 -13.58
N ILE B 50 10.09 -6.48 -13.04
CA ILE B 50 10.04 -6.79 -11.61
C ILE B 50 10.75 -8.10 -11.37
N ALA B 51 11.70 -8.10 -10.43
CA ALA B 51 12.43 -9.32 -10.06
C ALA B 51 11.78 -10.05 -8.89
N LYS B 52 11.26 -9.33 -7.91
CA LYS B 52 10.70 -9.94 -6.71
C LYS B 52 9.85 -8.89 -6.02
N ILE B 53 8.76 -9.32 -5.38
CA ILE B 53 7.98 -8.44 -4.52
C ILE B 53 7.93 -9.04 -3.14
N ILE B 54 8.12 -8.21 -2.11
CA ILE B 54 8.01 -8.62 -0.72
C ILE B 54 6.86 -7.87 -0.08
N SER B 55 5.91 -8.59 0.52
CA SER B 55 4.85 -7.94 1.29
C SER B 55 5.43 -7.68 2.66
N ALA B 56 6.02 -6.49 2.83
CA ALA B 56 6.87 -6.28 3.98
C ALA B 56 6.12 -5.80 5.21
N HIS B 57 5.19 -4.85 5.05
CA HIS B 57 4.55 -4.20 6.17
C HIS B 57 3.06 -4.00 5.90
N ILE B 58 2.28 -3.93 6.98
CA ILE B 58 0.88 -3.46 6.88
C ILE B 58 0.85 -2.00 6.43
N HIS B 59 1.79 -1.20 6.94
CA HIS B 59 1.81 0.24 6.72
C HIS B 59 2.82 0.62 5.64
N PRO B 60 2.71 1.85 5.12
CA PRO B 60 3.66 2.33 4.11
C PRO B 60 5.11 2.09 4.49
N VAL B 61 5.92 1.71 3.49
CA VAL B 61 7.37 1.60 3.64
C VAL B 61 7.96 3.01 3.58
N CYS B 62 8.75 3.39 4.57
CA CYS B 62 9.30 4.74 4.57
C CYS B 62 10.83 4.78 4.51
N SER B 63 11.52 3.65 4.65
CA SER B 63 12.98 3.64 4.52
C SER B 63 13.47 2.24 4.15
N LEU B 64 14.55 2.17 3.37
CA LEU B 64 15.12 0.92 2.90
C LEU B 64 16.63 1.04 2.79
N CYS B 65 17.32 -0.08 3.02
CA CYS B 65 18.77 -0.11 2.83
C CYS B 65 19.20 -1.52 2.49
N TRP B 66 20.06 -1.67 1.49
CA TRP B 66 20.61 -2.97 1.12
C TRP B 66 21.83 -3.30 1.97
N SER B 67 21.98 -4.57 2.31
CA SER B 67 23.22 -5.01 2.93
C SER B 67 24.37 -4.99 1.93
N ARG B 68 25.60 -5.00 2.45
CA ARG B 68 26.77 -5.00 1.59
C ARG B 68 26.76 -6.16 0.60
N ASP B 69 26.45 -7.38 1.07
CA ASP B 69 26.48 -8.53 0.17
C ASP B 69 25.25 -8.63 -0.72
N GLY B 70 24.30 -7.72 -0.61
CA GLY B 70 23.11 -7.73 -1.42
C GLY B 70 22.07 -8.76 -1.06
N HIS B 71 22.31 -9.59 -0.05
CA HIS B 71 21.37 -10.66 0.28
C HIS B 71 20.26 -10.23 1.23
N LYS B 72 20.43 -9.08 1.90
CA LYS B 72 19.48 -8.62 2.89
C LYS B 72 19.05 -7.21 2.57
N LEU B 73 17.81 -6.92 2.93
CA LEU B 73 17.25 -5.58 2.91
C LEU B 73 16.70 -5.29 4.29
N VAL B 74 16.97 -4.09 4.83
CA VAL B 74 16.29 -3.64 6.03
C VAL B 74 15.29 -2.55 5.62
N SER B 75 14.10 -2.61 6.21
CA SER B 75 13.01 -1.70 5.89
C SER B 75 12.44 -1.12 7.17
N ALA B 76 11.77 0.02 7.02
CA ALA B 76 10.99 0.59 8.11
C ALA B 76 9.62 0.96 7.58
N SER B 77 8.63 0.89 8.46
CA SER B 77 7.28 1.30 8.11
C SER B 77 6.91 2.55 8.91
N THR B 78 5.85 3.21 8.44
CA THR B 78 5.34 4.41 9.12
C THR B 78 4.63 4.08 10.43
N ASP B 79 4.49 2.80 10.76
CA ASP B 79 3.99 2.32 12.04
C ASP B 79 5.12 2.01 13.02
N ASN B 80 6.37 2.34 12.66
CA ASN B 80 7.56 2.26 13.53
C ASN B 80 8.13 0.84 13.63
N ILE B 81 7.89 -0.02 12.63
CA ILE B 81 8.47 -1.36 12.57
C ILE B 81 9.73 -1.29 11.72
N VAL B 82 10.77 -1.99 12.15
CA VAL B 82 12.01 -2.15 11.37
C VAL B 82 12.24 -3.64 11.19
N SER B 83 12.40 -4.08 9.94
CA SER B 83 12.49 -5.50 9.64
C SER B 83 13.67 -5.78 8.71
N GLN B 84 14.31 -6.92 8.91
CA GLN B 84 15.29 -7.40 7.94
C GLN B 84 14.67 -8.51 7.09
N TRP B 85 14.93 -8.43 5.77
CA TRP B 85 14.40 -9.38 4.81
C TRP B 85 15.54 -10.17 4.18
N ASP B 86 15.34 -11.48 4.07
CA ASP B 86 16.19 -12.29 3.22
C ASP B 86 15.65 -12.18 1.81
N VAL B 87 16.43 -11.55 0.93
CA VAL B 87 15.89 -11.13 -0.35
C VAL B 87 15.58 -12.34 -1.25
N LEU B 88 16.44 -13.35 -1.21
CA LEU B 88 16.22 -14.54 -2.03
C LEU B 88 14.88 -15.21 -1.69
N SER B 89 14.69 -15.54 -0.41
CA SER B 89 13.48 -16.23 0.01
C SER B 89 12.29 -15.30 0.13
N GLY B 90 12.52 -14.01 0.39
CA GLY B 90 11.45 -13.12 0.79
C GLY B 90 11.05 -13.20 2.25
N ASP B 91 11.72 -14.03 3.05
CA ASP B 91 11.31 -14.22 4.44
C ASP B 91 11.81 -13.10 5.35
N CYS B 92 11.04 -12.84 6.41
CA CYS B 92 11.44 -11.89 7.43
C CYS B 92 12.37 -12.57 8.43
N ASP B 93 13.61 -12.09 8.52
CA ASP B 93 14.56 -12.62 9.50
C ASP B 93 14.23 -12.15 10.92
N GLN B 94 13.96 -10.86 11.08
CA GLN B 94 13.77 -10.25 12.40
C GLN B 94 12.90 -9.00 12.27
N ARG B 95 12.17 -8.69 13.34
CA ARG B 95 11.41 -7.43 13.41
C ARG B 95 11.65 -6.74 14.74
N PHE B 96 11.64 -5.41 14.70
CA PHE B 96 11.73 -4.55 15.88
C PHE B 96 10.60 -3.53 15.84
N ARG B 97 10.13 -3.12 17.01
CA ARG B 97 9.15 -2.04 17.12
C ARG B 97 9.73 -0.90 17.94
N PHE B 98 9.68 0.30 17.38
CA PHE B 98 10.18 1.51 18.01
C PHE B 98 9.01 2.36 18.49
N PRO B 99 9.22 3.24 19.49
CA PRO B 99 8.07 3.99 20.03
C PRO B 99 7.70 5.24 19.24
N SER B 100 8.49 5.66 18.28
CA SER B 100 8.21 6.83 17.47
C SER B 100 8.59 6.51 16.03
N PRO B 101 8.13 7.31 15.08
CA PRO B 101 8.33 6.94 13.68
C PRO B 101 9.78 7.01 13.27
N ILE B 102 10.09 6.20 12.27
CA ILE B 102 11.46 5.96 11.81
C ILE B 102 11.73 6.87 10.63
N LEU B 103 12.73 7.72 10.75
CA LEU B 103 13.11 8.57 9.62
C LEU B 103 14.09 7.85 8.71
N LYS B 104 14.88 6.93 9.23
CA LYS B 104 15.95 6.34 8.43
C LYS B 104 16.42 5.03 9.04
N VAL B 105 16.77 4.06 8.18
CA VAL B 105 17.51 2.86 8.56
C VAL B 105 18.73 2.74 7.65
N GLN B 106 19.81 2.22 8.21
CA GLN B 106 21.06 2.11 7.44
C GLN B 106 21.92 0.98 8.00
N TYR B 107 22.30 0.04 7.14
CA TYR B 107 23.29 -0.95 7.56
C TYR B 107 24.62 -0.28 7.76
N HIS B 108 25.39 -0.80 8.71
CA HIS B 108 26.82 -0.54 8.72
C HIS B 108 27.40 -1.02 7.40
N PRO B 109 28.03 -0.15 6.60
CA PRO B 109 28.44 -0.55 5.25
C PRO B 109 29.44 -1.67 5.20
N ARG B 110 30.11 -2.00 6.32
CA ARG B 110 31.07 -3.09 6.37
C ARG B 110 30.76 -4.13 7.44
N ASP B 111 29.56 -4.09 8.04
CA ASP B 111 29.18 -5.11 9.02
C ASP B 111 27.65 -5.15 9.01
N GLN B 112 27.09 -6.03 8.17
CA GLN B 112 25.64 -6.04 8.05
C GLN B 112 24.95 -6.69 9.24
N ASN B 113 25.68 -7.03 10.30
CA ASN B 113 25.05 -7.38 11.57
C ASN B 113 24.57 -6.14 12.33
N LYS B 114 24.89 -4.93 11.88
CA LYS B 114 24.55 -3.72 12.62
C LYS B 114 23.70 -2.80 11.75
N VAL B 115 22.64 -2.26 12.35
CA VAL B 115 21.71 -1.36 11.68
C VAL B 115 21.56 -0.12 12.53
N LEU B 116 21.81 1.04 11.93
CA LEU B 116 21.58 2.34 12.54
C LEU B 116 20.15 2.79 12.22
N VAL B 117 19.40 3.18 13.24
CA VAL B 117 18.02 3.57 13.08
C VAL B 117 17.86 4.97 13.66
N CYS B 118 17.18 5.86 12.91
CA CYS B 118 16.92 7.22 13.38
C CYS B 118 15.44 7.43 13.64
N PRO B 119 14.97 7.27 14.88
CA PRO B 119 13.57 7.61 15.19
C PRO B 119 13.42 9.10 15.43
N MET B 120 12.17 9.56 15.32
CA MET B 120 11.84 10.97 15.58
C MET B 120 11.98 11.30 17.05
N LYS B 121 12.41 12.53 17.34
CA LYS B 121 12.46 13.06 18.70
C LYS B 121 13.21 12.14 19.64
N SER B 122 14.28 11.56 19.15
CA SER B 122 15.01 10.55 19.88
C SER B 122 16.47 10.59 19.48
N ALA B 123 17.32 10.06 20.32
CA ALA B 123 18.64 9.71 19.91
C ALA B 123 18.56 8.58 18.88
N PRO B 124 19.54 8.51 18.01
CA PRO B 124 19.70 7.35 17.16
C PRO B 124 20.04 6.08 17.97
N VAL B 125 19.68 4.98 17.36
CA VAL B 125 19.80 3.70 17.96
C VAL B 125 20.52 2.77 17.01
N MET B 126 21.47 2.03 17.56
CA MET B 126 22.15 0.97 16.82
C MET B 126 21.68 -0.41 17.27
N LEU B 127 21.21 -1.19 16.31
CA LEU B 127 20.80 -2.56 16.50
C LEU B 127 21.91 -3.55 16.16
N THR B 128 22.02 -4.61 16.96
CA THR B 128 22.83 -5.73 16.52
C THR B 128 21.91 -6.90 16.32
N LEU B 129 21.85 -7.39 15.12
CA LEU B 129 20.88 -8.38 14.72
C LEU B 129 21.05 -9.74 15.36
N SER B 130 22.28 -10.17 15.52
CA SER B 130 22.56 -11.54 15.94
C SER B 130 21.98 -11.79 17.30
N ASP B 131 22.08 -10.83 18.20
CA ASP B 131 21.48 -10.99 19.50
C ASP B 131 20.27 -10.12 19.74
N SER B 132 19.85 -9.37 18.75
CA SER B 132 18.71 -8.47 18.85
C SER B 132 18.81 -7.40 19.93
N LYS B 133 20.01 -6.95 20.22
CA LYS B 133 20.21 -5.90 21.19
C LYS B 133 20.27 -4.54 20.53
N HIS B 134 20.15 -3.51 21.34
CA HIS B 134 20.32 -2.17 20.83
C HIS B 134 21.07 -1.30 21.80
N VAL B 135 21.75 -0.31 21.28
CA VAL B 135 22.30 0.75 22.10
C VAL B 135 21.88 2.13 21.65
N VAL B 136 21.65 3.01 22.61
CA VAL B 136 21.21 4.32 22.30
C VAL B 136 22.43 5.21 22.17
N LEU B 137 22.58 5.89 21.04
CA LEU B 137 23.71 6.75 20.85
C LEU B 137 23.64 8.03 21.71
N PRO B 138 24.78 8.61 21.99
CA PRO B 138 24.82 9.90 22.68
C PRO B 138 24.35 11.05 21.81
N VAL B 139 23.94 12.10 22.47
CA VAL B 139 23.43 13.29 21.83
C VAL B 139 24.00 14.54 22.50
N ASP B 140 23.89 15.67 21.82
CA ASP B 140 24.27 16.97 22.34
C ASP B 140 23.04 17.89 22.44
N ASP B 141 23.18 18.97 23.18
CA ASP B 141 22.17 20.05 23.37
C ASP B 141 20.97 19.66 24.23
N ASP B 142 20.22 18.69 23.79
CA ASP B 142 18.99 18.32 24.39
C ASP B 142 18.70 16.88 24.05
N SER B 143 18.00 16.22 24.93
CA SER B 143 17.67 14.83 24.76
C SER B 143 16.67 14.54 23.66
N ASP B 144 15.79 15.50 23.40
CA ASP B 144 14.59 15.28 22.64
C ASP B 144 14.56 15.92 21.23
N LEU B 145 15.69 16.31 20.72
CA LEU B 145 15.71 16.93 19.39
C LEU B 145 15.62 15.86 18.31
N ASN B 146 15.10 16.23 17.15
CA ASN B 146 15.25 15.38 15.99
C ASN B 146 16.73 15.28 15.61
N VAL B 147 17.20 14.06 15.43
CA VAL B 147 18.59 13.77 15.12
C VAL B 147 18.62 12.87 13.90
N VAL B 148 19.37 13.26 12.88
CA VAL B 148 19.64 12.37 11.75
C VAL B 148 21.10 11.91 11.86
N ALA B 149 21.41 10.81 11.17
CA ALA B 149 22.74 10.23 11.31
C ALA B 149 23.07 9.40 10.08
N SER B 150 24.36 9.18 9.90
CA SER B 150 24.86 8.31 8.84
C SER B 150 26.19 7.73 9.24
N PHE B 151 26.42 6.46 8.88
CA PHE B 151 27.78 5.94 8.82
C PHE B 151 28.57 6.68 7.74
N ASP B 152 29.88 6.80 7.96
CA ASP B 152 30.74 7.25 6.87
C ASP B 152 30.94 6.08 5.91
N ARG B 153 31.80 6.24 4.90
CA ARG B 153 31.83 5.26 3.81
C ARG B 153 32.25 3.89 4.31
N ARG B 154 33.27 3.84 5.16
CA ARG B 154 33.78 2.60 5.73
C ARG B 154 32.99 2.14 6.96
N GLY B 155 32.12 2.97 7.52
CA GLY B 155 31.45 2.61 8.76
C GLY B 155 32.31 2.77 9.99
N GLU B 156 33.49 3.38 9.86
CA GLU B 156 34.36 3.57 11.02
C GLU B 156 33.82 4.61 11.98
N TYR B 157 33.04 5.55 11.46
CA TYR B 157 32.48 6.64 12.26
C TYR B 157 30.99 6.78 11.97
N ILE B 158 30.27 7.29 12.95
CA ILE B 158 28.87 7.68 12.82
C ILE B 158 28.82 9.19 12.96
N TYR B 159 28.25 9.86 11.97
CA TYR B 159 28.02 11.30 12.04
C TYR B 159 26.56 11.52 12.40
N THR B 160 26.32 12.36 13.41
CA THR B 160 24.96 12.71 13.75
C THR B 160 24.80 14.22 13.64
N GLY B 161 23.56 14.64 13.37
CA GLY B 161 23.26 16.07 13.31
C GLY B 161 21.91 16.37 13.89
N ASN B 162 21.79 17.43 14.69
CA ASN B 162 20.54 17.68 15.42
C ASN B 162 19.89 18.97 14.92
N ALA B 163 18.75 19.29 15.53
CA ALA B 163 17.91 20.39 15.10
C ALA B 163 18.50 21.75 15.47
N LYS B 164 19.60 21.79 16.20
CA LYS B 164 20.31 23.04 16.48
C LYS B 164 21.62 23.13 15.72
N GLY B 165 21.79 22.31 14.69
CA GLY B 165 22.95 22.40 13.83
C GLY B 165 24.19 21.71 14.32
N LYS B 166 24.12 20.95 15.42
CA LYS B 166 25.31 20.34 15.97
C LYS B 166 25.60 19.02 15.26
N ILE B 167 26.81 18.89 14.73
CA ILE B 167 27.31 17.64 14.16
C ILE B 167 28.25 16.98 15.15
N LEU B 168 28.00 15.70 15.46
CA LEU B 168 28.90 14.88 16.27
C LEU B 168 29.49 13.78 15.40
N VAL B 169 30.79 13.54 15.56
CA VAL B 169 31.47 12.42 14.89
C VAL B 169 31.89 11.44 15.97
N LEU B 170 31.35 10.23 15.91
CA LEU B 170 31.53 9.22 16.94
C LEU B 170 32.25 8.03 16.34
N LYS B 171 33.24 7.51 17.06
CA LYS B 171 33.80 6.21 16.68
C LYS B 171 32.69 5.17 16.76
N THR B 172 32.56 4.37 15.70
CA THR B 172 31.43 3.44 15.62
C THR B 172 31.46 2.42 16.77
N ASP B 173 32.62 1.87 17.09
CA ASP B 173 32.58 0.80 18.09
C ASP B 173 32.53 1.35 19.52
N SER B 174 33.38 2.30 19.85
CA SER B 174 33.48 2.78 21.21
C SER B 174 32.51 3.91 21.53
N GLN B 175 31.95 4.53 20.50
CA GLN B 175 31.13 5.75 20.59
C GLN B 175 31.89 6.95 21.16
N ASP B 176 33.23 6.91 21.16
CA ASP B 176 34.00 8.08 21.57
C ASP B 176 33.76 9.25 20.61
N LEU B 177 33.59 10.46 21.16
CA LEU B 177 33.42 11.65 20.33
C LEU B 177 34.79 12.13 19.86
N VAL B 178 35.07 12.00 18.55
CA VAL B 178 36.38 12.37 18.02
C VAL B 178 36.38 13.75 17.38
N ALA B 179 35.22 14.29 17.02
CA ALA B 179 35.15 15.58 16.37
C ALA B 179 33.72 16.08 16.48
N SER B 180 33.55 17.40 16.36
CA SER B 180 32.22 17.99 16.38
C SER B 180 32.30 19.42 15.90
N PHE B 181 31.18 19.92 15.38
CA PHE B 181 31.07 21.33 15.02
C PHE B 181 29.59 21.71 14.91
N ARG B 182 29.33 23.01 14.87
CA ARG B 182 27.96 23.50 14.72
C ARG B 182 27.83 24.26 13.41
N VAL B 183 26.78 23.93 12.66
CA VAL B 183 26.45 24.67 11.44
C VAL B 183 25.61 25.87 11.85
N THR B 184 26.05 27.05 11.43
CA THR B 184 25.32 28.29 11.67
C THR B 184 25.18 29.06 10.36
N THR B 185 24.23 29.98 10.33
CA THR B 185 23.92 30.73 9.14
C THR B 185 24.73 32.02 9.13
N GLY B 186 24.39 32.94 8.22
CA GLY B 186 24.95 34.28 8.32
C GLY B 186 24.46 35.00 9.55
N THR B 187 23.21 34.76 9.94
CA THR B 187 22.64 35.32 11.15
C THR B 187 23.29 34.80 12.43
N SER B 188 24.22 33.86 12.31
CA SER B 188 24.75 33.10 13.45
C SER B 188 23.64 32.43 14.24
N ASN B 189 22.45 32.36 13.65
CA ASN B 189 21.36 31.55 14.16
C ASN B 189 21.69 30.07 13.94
N THR B 190 21.02 29.21 14.69
CA THR B 190 21.20 27.79 14.40
C THR B 190 20.28 27.39 13.25
N THR B 191 20.66 26.31 12.57
CA THR B 191 19.85 25.78 11.48
C THR B 191 19.82 24.26 11.62
N ALA B 192 18.63 23.68 11.51
CA ALA B 192 18.46 22.25 11.78
C ALA B 192 19.10 21.42 10.68
N ILE B 193 19.76 20.32 11.07
CA ILE B 193 20.32 19.39 10.09
C ILE B 193 19.23 18.44 9.64
N LYS B 194 18.97 18.42 8.34
CA LYS B 194 17.89 17.61 7.78
C LYS B 194 18.35 16.27 7.24
N SER B 195 19.58 16.19 6.74
CA SER B 195 20.10 14.89 6.30
C SER B 195 21.62 14.98 6.18
N ILE B 196 22.24 13.81 6.25
CA ILE B 196 23.68 13.66 6.10
C ILE B 196 23.90 12.50 5.15
N GLU B 197 24.68 12.74 4.08
CA GLU B 197 24.84 11.77 3.00
C GLU B 197 26.31 11.66 2.64
N PHE B 198 26.81 10.43 2.52
CA PHE B 198 28.21 10.22 2.19
C PHE B 198 28.34 9.74 0.75
N ALA B 199 29.47 10.08 0.12
CA ALA B 199 29.79 9.55 -1.19
C ALA B 199 30.27 8.10 -1.09
N ARG B 200 30.00 7.30 -2.14
CA ARG B 200 30.42 5.91 -2.18
C ARG B 200 31.91 5.73 -2.46
N LYS B 201 32.61 6.77 -2.90
CA LYS B 201 34.07 6.75 -3.06
C LYS B 201 34.65 7.94 -2.31
N GLY B 202 35.83 7.75 -1.75
CA GLY B 202 36.53 8.86 -1.13
C GLY B 202 35.99 9.17 0.25
N SER B 203 36.07 10.45 0.63
CA SER B 203 35.83 10.83 2.01
C SER B 203 34.89 12.01 2.16
N CYS B 204 34.25 12.47 1.09
CA CYS B 204 33.38 13.63 1.20
C CYS B 204 31.97 13.22 1.62
N PHE B 205 31.26 14.18 2.21
CA PHE B 205 29.86 14.00 2.57
C PHE B 205 29.19 15.36 2.43
N LEU B 206 27.86 15.35 2.50
CA LEU B 206 27.09 16.58 2.45
C LEU B 206 26.10 16.60 3.61
N ILE B 207 25.68 17.82 3.94
CA ILE B 207 24.67 18.13 4.95
C ILE B 207 23.61 18.99 4.28
N ASN B 208 22.35 18.61 4.44
CA ASN B 208 21.21 19.44 4.03
C ASN B 208 20.66 20.09 5.29
N THR B 209 20.60 21.43 5.32
CA THR B 209 20.11 22.13 6.50
C THR B 209 18.88 22.98 6.17
N ALA B 210 18.18 23.42 7.23
CA ALA B 210 16.94 24.17 7.05
C ALA B 210 17.17 25.52 6.41
N ASP B 211 18.40 26.02 6.38
CA ASP B 211 18.65 27.27 5.66
C ASP B 211 18.73 27.06 4.15
N ARG B 212 18.47 25.84 3.68
CA ARG B 212 18.33 25.50 2.26
C ARG B 212 19.68 25.49 1.54
N ILE B 213 20.75 25.27 2.29
CA ILE B 213 22.09 25.18 1.74
C ILE B 213 22.58 23.75 1.93
N ILE B 214 23.10 23.17 0.86
CA ILE B 214 23.79 21.90 0.93
C ILE B 214 25.26 22.19 1.13
N ARG B 215 25.80 21.83 2.29
CA ARG B 215 27.21 22.05 2.58
C ARG B 215 27.99 20.75 2.35
N VAL B 216 29.08 20.84 1.58
CA VAL B 216 29.92 19.70 1.24
C VAL B 216 31.21 19.81 2.02
N TYR B 217 31.59 18.74 2.72
CA TYR B 217 32.81 18.69 3.51
C TYR B 217 33.63 17.46 3.16
N ASP B 218 34.91 17.53 3.46
CA ASP B 218 35.80 16.37 3.46
C ASP B 218 35.88 15.84 4.88
N GLY B 219 35.50 14.56 5.06
CA GLY B 219 35.53 13.96 6.39
C GLY B 219 36.90 14.02 7.04
N ARG B 220 37.96 13.96 6.24
CA ARG B 220 39.31 14.06 6.80
C ARG B 220 39.56 15.45 7.38
N GLU B 221 39.01 16.50 6.77
CA GLU B 221 39.09 17.82 7.37
C GLU B 221 38.35 17.88 8.70
N ILE B 222 37.20 17.19 8.77
CA ILE B 222 36.41 17.22 10.00
C ILE B 222 37.20 16.60 11.14
N LEU B 223 37.84 15.45 10.89
CA LEU B 223 38.59 14.80 11.95
C LEU B 223 39.78 15.65 12.38
N THR B 224 40.38 16.42 11.46
CA THR B 224 41.52 17.26 11.82
C THR B 224 41.11 18.43 12.70
N CYS B 225 39.95 19.03 12.44
CA CYS B 225 39.51 20.15 13.26
C CYS B 225 39.08 19.70 14.66
N GLY B 226 38.78 18.42 14.85
CA GLY B 226 38.54 17.91 16.18
C GLY B 226 37.23 18.38 16.81
N ARG B 227 37.20 18.37 18.13
CA ARG B 227 36.00 18.74 18.87
C ARG B 227 35.80 20.24 18.88
N ASP B 228 34.55 20.67 18.72
CA ASP B 228 34.20 22.09 18.66
C ASP B 228 35.06 22.82 17.62
N GLY B 229 35.35 22.13 16.52
CA GLY B 229 36.10 22.72 15.44
C GLY B 229 35.24 23.67 14.64
N GLU B 230 35.88 24.32 13.67
CA GLU B 230 35.20 25.23 12.76
C GLU B 230 35.58 24.91 11.32
N PRO B 231 35.26 23.71 10.85
CA PRO B 231 35.66 23.32 9.49
C PRO B 231 35.00 24.21 8.45
N GLU B 232 35.73 24.47 7.35
CA GLU B 232 35.03 25.23 6.32
C GLU B 232 34.48 24.30 5.26
N PRO B 233 33.24 24.52 4.81
CA PRO B 233 32.69 23.68 3.73
C PRO B 233 33.50 23.79 2.46
N MET B 234 33.62 22.65 1.77
CA MET B 234 34.22 22.57 0.44
C MET B 234 33.41 23.35 -0.59
N GLN B 235 32.09 23.24 -0.51
CA GLN B 235 31.17 23.91 -1.41
C GLN B 235 29.89 24.17 -0.64
N LYS B 236 29.15 25.19 -1.07
CA LYS B 236 27.82 25.49 -0.53
C LYS B 236 26.88 25.57 -1.72
N LEU B 237 25.96 24.63 -1.83
CA LEU B 237 25.09 24.53 -2.98
C LEU B 237 23.70 25.02 -2.61
N GLN B 238 23.15 25.91 -3.44
CA GLN B 238 21.84 26.48 -3.13
C GLN B 238 21.30 27.15 -4.40
N ASP B 239 20.00 27.43 -4.39
CA ASP B 239 19.38 28.22 -5.44
C ASP B 239 19.04 29.57 -4.84
N LEU B 240 19.84 30.58 -5.17
CA LEU B 240 19.67 31.90 -4.59
C LEU B 240 18.52 32.69 -5.20
N VAL B 241 17.94 32.19 -6.29
CA VAL B 241 16.85 32.88 -6.96
C VAL B 241 15.50 32.39 -6.45
N ASN B 242 15.34 31.08 -6.40
CA ASN B 242 14.08 30.47 -6.01
C ASN B 242 14.06 30.04 -4.55
N ARG B 243 15.19 30.10 -3.86
CA ARG B 243 15.30 29.71 -2.45
C ARG B 243 14.71 28.32 -2.23
N THR B 244 15.16 27.40 -3.07
CA THR B 244 14.64 26.04 -3.09
C THR B 244 15.03 25.27 -1.82
N PRO B 245 14.07 24.73 -1.07
CA PRO B 245 14.41 23.77 -0.02
C PRO B 245 14.63 22.39 -0.63
N TRP B 246 15.44 21.58 0.05
CA TRP B 246 15.88 20.30 -0.51
C TRP B 246 15.23 19.13 0.23
N LYS B 247 14.60 18.24 -0.55
CA LYS B 247 13.95 17.06 0.01
C LYS B 247 14.94 15.92 0.22
N LYS B 248 15.82 15.68 -0.74
CA LYS B 248 16.74 14.55 -0.72
C LYS B 248 17.93 14.88 -1.61
N CYS B 249 19.13 14.53 -1.14
CA CYS B 249 20.36 14.77 -1.87
C CYS B 249 21.15 13.47 -1.99
N CYS B 250 21.85 13.30 -3.11
CA CYS B 250 22.72 12.14 -3.35
C CYS B 250 23.97 12.55 -4.09
N PHE B 251 25.05 11.79 -3.89
CA PHE B 251 26.24 11.87 -4.73
C PHE B 251 26.13 10.91 -5.90
N SER B 252 26.77 11.27 -7.01
CA SER B 252 27.02 10.30 -8.07
C SER B 252 27.95 9.20 -7.55
N GLY B 253 27.99 8.09 -8.30
CA GLY B 253 28.73 6.92 -7.86
C GLY B 253 30.20 7.17 -7.59
N ASP B 254 30.79 8.13 -8.27
CA ASP B 254 32.20 8.46 -8.07
C ASP B 254 32.38 9.72 -7.23
N GLY B 255 31.31 10.25 -6.66
CA GLY B 255 31.36 11.43 -5.82
C GLY B 255 31.68 12.73 -6.53
N GLU B 256 31.70 12.75 -7.85
CA GLU B 256 32.04 13.96 -8.58
C GLU B 256 30.86 14.89 -8.78
N TYR B 257 29.63 14.39 -8.65
CA TYR B 257 28.42 15.17 -8.83
C TYR B 257 27.49 14.99 -7.64
N ILE B 258 26.63 15.99 -7.44
CA ILE B 258 25.57 15.96 -6.44
C ILE B 258 24.24 16.27 -7.11
N VAL B 259 23.21 15.48 -6.82
CA VAL B 259 21.84 15.78 -7.21
C VAL B 259 21.06 16.13 -5.96
N ALA B 260 20.17 17.11 -6.04
CA ALA B 260 19.23 17.34 -4.95
C ALA B 260 17.84 17.55 -5.52
N GLY B 261 16.85 16.94 -4.88
CA GLY B 261 15.46 17.12 -5.27
C GLY B 261 14.81 18.25 -4.51
N SER B 262 14.17 19.15 -5.24
CA SER B 262 13.44 20.26 -4.64
C SER B 262 12.28 19.74 -3.80
N ALA B 263 12.08 20.35 -2.64
CA ALA B 263 10.94 20.00 -1.80
C ALA B 263 9.68 20.77 -2.19
N ARG B 264 9.75 21.65 -3.19
CA ARG B 264 8.59 22.44 -3.59
C ARG B 264 8.15 22.20 -5.03
N GLN B 265 9.00 21.64 -5.88
CA GLN B 265 8.65 21.35 -7.25
C GLN B 265 9.31 20.03 -7.64
N HIS B 266 8.85 19.47 -8.74
CA HIS B 266 9.45 18.25 -9.30
C HIS B 266 10.67 18.68 -10.13
N ALA B 267 11.79 18.89 -9.43
CA ALA B 267 12.98 19.43 -10.08
C ALA B 267 14.21 18.82 -9.42
N LEU B 268 15.10 18.26 -10.23
CA LEU B 268 16.36 17.68 -9.74
C LEU B 268 17.49 18.59 -10.17
N TYR B 269 18.17 19.20 -9.19
CA TYR B 269 19.34 20.03 -9.46
C TYR B 269 20.60 19.17 -9.44
N ILE B 270 21.47 19.37 -10.41
CA ILE B 270 22.72 18.68 -10.49
C ILE B 270 23.92 19.65 -10.50
N TRP B 271 24.86 19.46 -9.60
CA TRP B 271 26.04 20.31 -9.48
C TRP B 271 27.29 19.49 -9.57
N GLU B 272 28.38 20.08 -10.05
CA GLU B 272 29.65 19.35 -10.08
C GLU B 272 30.40 19.59 -8.78
N LYS B 273 30.82 18.53 -8.10
CA LYS B 273 31.29 18.64 -6.71
C LYS B 273 32.59 19.39 -6.46
N SER B 274 33.62 19.10 -7.23
CA SER B 274 34.92 19.67 -6.98
C SER B 274 34.90 21.17 -7.17
N ILE B 275 34.18 21.63 -8.17
CA ILE B 275 34.12 23.02 -8.52
C ILE B 275 32.83 23.76 -8.26
N GLY B 276 31.75 23.06 -7.92
CA GLY B 276 30.55 23.73 -7.45
C GLY B 276 29.57 24.29 -8.44
N ASN B 277 29.78 24.02 -9.72
CA ASN B 277 28.94 24.64 -10.75
C ASN B 277 27.61 23.90 -11.00
N LEU B 278 26.49 24.61 -11.12
CA LEU B 278 25.24 23.97 -11.48
C LEU B 278 25.29 23.51 -12.92
N VAL B 279 25.03 22.23 -13.14
CA VAL B 279 25.25 21.60 -14.43
C VAL B 279 23.94 21.45 -15.20
N LYS B 280 22.84 21.15 -14.51
CA LYS B 280 21.57 20.88 -15.14
C LYS B 280 20.47 20.91 -14.07
N ILE B 281 19.27 21.28 -14.49
CA ILE B 281 18.07 20.97 -13.70
C ILE B 281 17.16 20.10 -14.55
N LEU B 282 16.74 18.97 -14.00
CA LEU B 282 15.78 18.08 -14.63
C LEU B 282 14.40 18.43 -14.10
N HIS B 283 13.49 18.77 -14.99
CA HIS B 283 12.17 19.23 -14.62
C HIS B 283 11.17 18.12 -14.90
N GLY B 284 10.47 17.67 -13.87
CA GLY B 284 9.42 16.71 -14.02
C GLY B 284 8.09 17.39 -14.27
N THR B 285 7.04 16.57 -14.43
CA THR B 285 5.73 17.13 -14.71
C THR B 285 5.31 18.03 -13.55
N ARG B 286 4.76 19.19 -13.89
CA ARG B 286 4.51 20.21 -12.89
C ARG B 286 3.39 19.78 -11.94
N GLY B 287 3.51 20.21 -10.68
CA GLY B 287 2.51 19.94 -9.67
C GLY B 287 2.77 18.71 -8.82
N GLU B 288 3.77 17.91 -9.17
CA GLU B 288 4.06 16.68 -8.43
C GLU B 288 5.02 16.94 -7.29
N LEU B 289 4.93 16.13 -6.24
CA LEU B 289 5.79 16.27 -5.08
C LEU B 289 6.85 15.18 -5.09
N LEU B 290 8.11 15.61 -5.05
CA LEU B 290 9.24 14.70 -5.00
C LEU B 290 9.33 14.05 -3.63
N LEU B 291 9.42 12.72 -3.60
CA LEU B 291 9.61 12.01 -2.33
C LEU B 291 11.00 11.43 -2.14
N ASP B 292 11.70 11.09 -3.22
CA ASP B 292 12.99 10.44 -3.06
C ASP B 292 13.77 10.59 -4.36
N VAL B 293 15.08 10.45 -4.24
CA VAL B 293 16.01 10.52 -5.37
C VAL B 293 17.14 9.56 -5.08
N ALA B 294 17.64 8.88 -6.12
CA ALA B 294 18.78 7.98 -5.99
C ALA B 294 19.61 8.03 -7.27
N TRP B 295 20.93 8.18 -7.12
CA TRP B 295 21.82 8.17 -8.27
C TRP B 295 22.41 6.77 -8.42
N HIS B 296 22.32 6.21 -9.61
CA HIS B 296 22.86 4.87 -9.83
C HIS B 296 24.34 4.82 -9.46
N PRO B 297 24.81 3.75 -8.81
CA PRO B 297 26.20 3.75 -8.29
C PRO B 297 27.28 3.65 -9.36
N VAL B 298 26.96 3.33 -10.61
CA VAL B 298 27.96 3.13 -11.64
C VAL B 298 27.74 4.04 -12.85
N ARG B 299 26.49 4.23 -13.26
CA ARG B 299 26.16 4.92 -14.50
C ARG B 299 25.49 6.26 -14.25
N PRO B 300 25.48 7.21 -15.30
CA PRO B 300 24.78 8.51 -15.12
C PRO B 300 23.28 8.34 -15.31
N ILE B 301 22.68 7.70 -14.32
CA ILE B 301 21.27 7.40 -14.31
C ILE B 301 20.74 7.79 -12.93
N ILE B 302 19.63 8.52 -12.90
CA ILE B 302 19.00 8.93 -11.64
C ILE B 302 17.58 8.41 -11.62
N ALA B 303 17.16 7.87 -10.47
CA ALA B 303 15.78 7.51 -10.23
C ALA B 303 15.19 8.52 -9.25
N SER B 304 13.97 8.97 -9.54
CA SER B 304 13.27 9.87 -8.62
C SER B 304 11.84 9.37 -8.45
N ILE B 305 11.24 9.69 -7.31
CA ILE B 305 9.88 9.22 -7.02
C ILE B 305 8.98 10.43 -6.85
N SER B 306 7.87 10.43 -7.59
CA SER B 306 6.81 11.43 -7.42
C SER B 306 5.52 10.85 -7.99
N SER B 307 4.40 11.27 -7.41
CA SER B 307 3.07 10.82 -7.83
C SER B 307 2.98 9.29 -7.91
N GLY B 308 3.66 8.61 -6.99
CA GLY B 308 3.58 7.17 -6.89
C GLY B 308 4.37 6.40 -7.92
N VAL B 309 5.14 7.06 -8.79
CA VAL B 309 5.90 6.32 -9.79
C VAL B 309 7.37 6.71 -9.75
N VAL B 310 8.21 5.76 -10.16
CA VAL B 310 9.64 5.99 -10.29
C VAL B 310 9.90 6.54 -11.68
N SER B 311 10.46 7.74 -11.75
CA SER B 311 10.95 8.28 -13.01
C SER B 311 12.43 8.00 -13.15
N ILE B 312 12.87 7.64 -14.36
CA ILE B 312 14.27 7.35 -14.63
C ILE B 312 14.81 8.42 -15.57
N TRP B 313 15.99 8.94 -15.26
CA TRP B 313 16.63 9.98 -16.05
C TRP B 313 17.98 9.44 -16.53
N ALA B 314 18.27 9.63 -17.82
CA ALA B 314 19.52 9.13 -18.38
C ALA B 314 20.15 10.19 -19.27
N GLN B 315 21.40 9.97 -19.64
CA GLN B 315 22.13 10.92 -20.48
C GLN B 315 21.61 10.89 -21.92
N SER C 7 -26.31 -30.56 -9.01
CA SER C 7 -25.41 -31.65 -9.37
C SER C 7 -24.50 -32.00 -8.19
N LYS C 8 -23.22 -32.26 -8.47
CA LYS C 8 -22.28 -32.59 -7.41
C LYS C 8 -21.43 -31.37 -7.06
N ALA C 9 -21.07 -31.29 -5.79
CA ALA C 9 -20.64 -30.05 -5.18
C ALA C 9 -19.37 -30.29 -4.37
N LEU C 10 -18.48 -29.31 -4.37
CA LEU C 10 -17.26 -29.41 -3.60
C LEU C 10 -17.48 -28.68 -2.28
N LEU C 11 -17.45 -29.42 -1.18
CA LEU C 11 -17.59 -28.82 0.16
C LEU C 11 -16.33 -28.96 1.01
N TYR C 12 -15.61 -30.06 0.90
CA TYR C 12 -14.43 -30.34 1.71
C TYR C 12 -13.22 -30.50 0.82
N LEU C 13 -12.10 -29.94 1.27
CA LEU C 13 -10.90 -29.74 0.45
C LEU C 13 -9.72 -30.37 1.18
N PRO C 14 -9.44 -31.66 0.95
CA PRO C 14 -8.71 -32.48 1.92
C PRO C 14 -7.19 -32.34 2.01
N ILE C 15 -6.61 -31.27 1.49
CA ILE C 15 -5.16 -30.97 1.60
C ILE C 15 -4.20 -32.02 1.01
N PRO C 41 -1.47 -20.71 -19.10
CA PRO C 41 -2.92 -20.65 -19.31
C PRO C 41 -3.32 -19.74 -20.47
N LYS C 42 -4.49 -20.01 -21.06
CA LYS C 42 -5.00 -19.17 -22.13
C LYS C 42 -5.34 -17.78 -21.61
N THR C 43 -4.77 -16.75 -22.24
CA THR C 43 -5.03 -15.36 -21.88
C THR C 43 -5.77 -14.65 -23.00
N THR C 44 -6.81 -13.92 -22.63
CA THR C 44 -7.63 -13.14 -23.56
C THR C 44 -7.54 -11.66 -23.18
N ASN C 45 -7.13 -10.81 -24.12
CA ASN C 45 -7.09 -9.37 -23.89
CA ASN C 45 -7.08 -9.37 -23.89
C ASN C 45 -8.45 -8.76 -24.21
N ILE C 46 -9.02 -8.04 -23.25
CA ILE C 46 -10.33 -7.42 -23.40
C ILE C 46 -10.11 -5.94 -23.67
N GLU C 47 -10.39 -5.49 -24.89
CA GLU C 47 -10.23 -4.08 -25.23
C GLU C 47 -11.57 -3.36 -25.13
N LEU C 48 -11.58 -2.23 -24.42
CA LEU C 48 -12.79 -1.44 -24.18
C LEU C 48 -12.55 0.00 -24.61
N GLN C 49 -13.27 0.43 -25.64
CA GLN C 49 -13.13 1.77 -26.18
C GLN C 49 -13.29 2.83 -25.10
N GLY C 50 -12.39 3.80 -25.08
CA GLY C 50 -12.51 4.94 -24.20
C GLY C 50 -12.17 4.70 -22.74
N VAL C 51 -11.82 3.48 -22.35
CA VAL C 51 -11.49 3.23 -20.94
C VAL C 51 -10.03 3.65 -20.70
N PRO C 52 -9.77 4.51 -19.72
CA PRO C 52 -8.42 5.04 -19.53
C PRO C 52 -7.45 3.99 -19.01
N ASN C 53 -6.17 4.18 -19.33
CA ASN C 53 -5.15 3.19 -18.99
C ASN C 53 -4.29 3.59 -17.81
N ASP C 54 -4.64 4.67 -17.10
CA ASP C 54 -3.81 5.17 -16.00
C ASP C 54 -4.57 5.22 -14.68
N GLU C 55 -5.64 4.45 -14.53
CA GLU C 55 -6.35 4.42 -13.27
C GLU C 55 -5.62 3.54 -12.26
N VAL C 56 -5.90 3.78 -10.98
CA VAL C 56 -5.28 3.07 -9.87
C VAL C 56 -6.39 2.43 -9.05
N HIS C 57 -6.18 1.18 -8.64
CA HIS C 57 -7.22 0.51 -7.85
C HIS C 57 -7.42 1.26 -6.53
N PRO C 58 -8.67 1.45 -6.09
CA PRO C 58 -8.90 2.20 -4.85
C PRO C 58 -8.22 1.61 -3.63
N LEU C 59 -7.96 0.30 -3.61
CA LEU C 59 -7.20 -0.28 -2.49
C LEU C 59 -5.80 0.29 -2.42
N LEU C 60 -5.26 0.78 -3.54
CA LEU C 60 -3.84 1.12 -3.61
C LEU C 60 -3.56 2.61 -3.75
N GLY C 61 -4.54 3.44 -4.04
CA GLY C 61 -4.28 4.86 -4.22
C GLY C 61 -5.25 5.47 -5.20
N VAL C 62 -4.90 6.68 -5.69
CA VAL C 62 -5.72 7.39 -6.66
C VAL C 62 -4.83 7.90 -7.80
N LYS C 63 -5.43 8.00 -8.99
CA LYS C 63 -4.75 8.50 -10.18
C LYS C 63 -4.41 9.99 -10.09
N LYS D 8 30.52 -14.04 -3.10
CA LYS D 8 29.64 -14.40 -1.99
C LYS D 8 28.47 -13.41 -1.89
N ALA D 9 28.09 -12.84 -3.03
CA ALA D 9 27.17 -11.72 -3.06
C ALA D 9 26.03 -11.97 -4.05
N LEU D 10 24.91 -11.30 -3.81
CA LEU D 10 23.72 -11.45 -4.64
C LEU D 10 23.60 -10.24 -5.56
N LEU D 11 23.56 -10.50 -6.87
CA LEU D 11 23.37 -9.46 -7.86
C LEU D 11 22.12 -9.63 -8.72
N TYR D 12 21.59 -10.85 -8.83
CA TYR D 12 20.46 -11.15 -9.70
C TYR D 12 19.41 -11.96 -8.94
N LEU D 13 18.13 -11.65 -9.19
CA LEU D 13 17.00 -12.40 -8.65
C LEU D 13 16.23 -12.98 -9.82
N PRO D 14 16.53 -14.22 -10.24
CA PRO D 14 15.90 -14.89 -11.38
C PRO D 14 14.37 -14.93 -11.31
N PRO D 37 6.44 -18.93 2.12
CA PRO D 37 6.18 -17.82 3.03
C PRO D 37 6.02 -18.29 4.48
N LYS D 38 7.05 -18.06 5.29
CA LYS D 38 7.08 -18.48 6.69
C LYS D 38 6.67 -17.33 7.59
N LYS D 39 6.10 -17.69 8.76
CA LYS D 39 5.51 -16.70 9.65
C LYS D 39 6.56 -15.73 10.19
N LYS D 40 6.17 -14.47 10.35
CA LYS D 40 7.11 -13.44 10.79
C LYS D 40 7.54 -13.70 12.23
N PRO D 41 8.81 -13.47 12.55
CA PRO D 41 9.27 -13.73 13.91
C PRO D 41 8.62 -12.77 14.89
N LYS D 42 8.84 -13.05 16.18
CA LYS D 42 8.33 -12.17 17.22
C LYS D 42 9.11 -10.86 17.22
N THR D 43 8.37 -9.77 17.40
CA THR D 43 8.98 -8.45 17.43
C THR D 43 9.77 -8.22 18.71
N THR D 44 10.96 -7.65 18.58
CA THR D 44 11.70 -7.12 19.72
C THR D 44 11.22 -5.68 19.96
N ASN D 45 10.69 -5.42 21.14
CA ASN D 45 10.17 -4.09 21.46
C ASN D 45 11.31 -3.22 21.99
N ILE D 46 11.53 -2.08 21.36
CA ILE D 46 12.54 -1.13 21.80
C ILE D 46 11.86 -0.03 22.60
N GLU D 47 12.16 0.05 23.89
CA GLU D 47 11.61 1.09 24.76
C GLU D 47 12.65 2.18 24.95
N LEU D 48 12.25 3.43 24.69
CA LEU D 48 13.14 4.59 24.79
C LEU D 48 12.52 5.61 25.73
N GLN D 49 13.17 5.84 26.87
CA GLN D 49 12.66 6.80 27.85
C GLN D 49 12.43 8.16 27.21
N GLY D 50 11.28 8.75 27.48
CA GLY D 50 11.04 10.13 27.11
C GLY D 50 10.72 10.38 25.65
N VAL D 51 10.64 9.35 24.82
CA VAL D 51 10.27 9.56 23.42
C VAL D 51 8.75 9.65 23.32
N PRO D 52 8.20 10.70 22.69
CA PRO D 52 6.74 10.86 22.64
C PRO D 52 6.08 9.68 21.92
N ASN D 53 4.91 9.29 22.41
CA ASN D 53 4.23 8.15 21.85
C ASN D 53 3.28 8.51 20.71
N ASP D 54 3.07 9.80 20.44
CA ASP D 54 1.99 10.26 19.58
C ASP D 54 2.47 10.88 18.27
N GLU D 55 3.75 10.83 17.97
CA GLU D 55 4.25 11.47 16.76
C GLU D 55 3.79 10.70 15.53
N VAL D 56 3.83 11.39 14.39
CA VAL D 56 3.33 10.84 13.13
C VAL D 56 4.42 10.97 12.07
N HIS D 57 4.57 9.96 11.23
CA HIS D 57 5.61 10.00 10.22
C HIS D 57 5.31 11.11 9.23
N PRO D 58 6.32 11.90 8.83
CA PRO D 58 6.08 13.00 7.89
C PRO D 58 5.39 12.58 6.59
N LEU D 59 5.57 11.34 6.15
CA LEU D 59 4.83 10.87 4.97
C LEU D 59 3.33 10.96 5.16
N LEU D 60 2.88 10.91 6.42
CA LEU D 60 1.46 10.90 6.73
C LEU D 60 0.93 12.26 7.16
N GLY D 61 1.79 13.14 7.65
CA GLY D 61 1.38 14.46 8.09
C GLY D 61 2.19 14.90 9.30
N VAL D 62 1.60 15.78 10.10
CA VAL D 62 2.22 16.32 11.30
C VAL D 62 1.15 16.42 12.38
N LYS D 63 1.52 16.15 13.63
CA LYS D 63 0.50 16.09 14.69
C LYS D 63 -0.07 17.47 15.05
S SO4 E . -30.82 -20.54 -4.28
O1 SO4 E . -30.93 -19.08 -4.17
O2 SO4 E . -30.83 -20.95 -5.68
O3 SO4 E . -31.97 -21.15 -3.61
O4 SO4 E . -29.59 -20.98 -3.64
S SO4 F . -33.48 10.93 -13.87
O1 SO4 F . -34.78 11.24 -14.46
O2 SO4 F . -32.43 11.39 -14.79
O3 SO4 F . -33.34 11.62 -12.59
O4 SO4 F . -33.37 9.49 -13.67
O1 2PE G . -24.76 -31.44 -0.07
C2 2PE G . -24.80 -30.77 -1.29
C3 2PE G . -26.10 -29.98 -1.39
O4 2PE G . -25.94 -28.92 -2.29
C5 2PE G . -27.05 -28.64 -3.07
C6 2PE G . -27.41 -27.18 -2.89
O7 2PE G . -27.54 -26.93 -1.52
C8 2PE G . -26.95 -25.75 -1.06
C9 2PE G . -27.45 -25.42 0.34
O10 2PE G . -26.62 -24.44 0.92
C11 2PE G . -26.71 -24.36 2.32
C12 2PE G . -25.45 -24.97 2.91
O13 2PE G . -25.71 -25.67 4.10
C14 2PE G . -24.67 -26.53 4.50
C15 2PE G . -25.12 -27.97 4.25
O16 2PE G . -24.02 -28.84 4.23
C17 2PE G . -24.17 -29.92 3.37
C18 2PE G . -25.18 -30.94 3.89
O19 2PE G . -25.54 -31.80 2.85
C20 2PE G . -26.87 -32.27 2.90
C21 2PE G . -26.90 -33.69 3.45
O22 2PE G . -28.11 -34.32 3.12
C23 2PE G . -28.27 -34.60 1.76
C24 2PE G . -28.47 -36.10 1.58
O25 2PE G . -27.26 -36.77 1.82
S SO4 H . 4.41 -5.38 10.16
O1 SO4 H . 4.79 -4.06 9.65
O2 SO4 H . 3.52 -6.06 9.24
O3 SO4 H . 3.70 -5.17 11.44
O4 SO4 H . 5.56 -6.25 10.37
S SO4 I . 33.63 -6.70 -0.94
O1 SO4 I . 32.28 -6.69 -0.40
O2 SO4 I . 33.65 -6.04 -2.24
O3 SO4 I . 34.52 -5.99 -0.03
O4 SO4 I . 34.07 -8.09 -1.07
S SO4 J . 39.59 1.75 1.70
O1 SO4 J . 38.32 1.41 1.07
O2 SO4 J . 40.67 1.21 0.87
O3 SO4 J . 39.70 3.21 1.75
O4 SO4 J . 39.69 1.19 3.04
S SO4 K . 34.06 0.51 -0.42
O1 SO4 K . 32.75 0.02 -0.84
O2 SO4 K . 34.89 0.71 -1.60
O3 SO4 K . 33.90 1.78 0.27
O4 SO4 K . 34.68 -0.48 0.47
S SO4 L . 29.49 28.24 6.88
O1 SO4 L . 29.09 28.91 5.65
O2 SO4 L . 28.89 26.91 6.94
O3 SO4 L . 29.02 29.01 8.03
O4 SO4 L . 30.94 28.13 6.91
S SO4 M . 28.77 25.15 20.79
O1 SO4 M . 27.97 25.81 19.77
O2 SO4 M . 28.17 23.87 21.17
O3 SO4 M . 28.86 26.00 21.98
O4 SO4 M . 30.11 24.92 20.27
O1 P6G N . 29.47 11.36 23.77
C2 P6G N . 29.19 12.45 22.93
C3 P6G N . 29.19 13.75 23.73
O4 P6G N . 28.00 14.48 23.54
C5 P6G N . 28.00 15.75 24.17
C6 P6G N . 27.89 15.61 25.70
O7 P6G N . 27.83 16.88 26.32
C8 P6G N . 26.74 17.06 27.21
C9 P6G N . 25.67 17.96 26.60
O10 P6G N . 24.39 17.62 27.08
C11 P6G N . 23.58 16.92 26.16
C12 P6G N . 22.10 17.06 26.49
O13 P6G N . 21.58 15.99 27.27
C14 P6G N . 22.39 14.86 27.47
C15 P6G N . 22.12 14.24 28.85
O16 P6G N . 22.75 12.99 28.99
C17 P6G N . 22.56 12.14 27.90
C18 P6G N . 22.54 10.65 28.27
O19 P6G N . 22.52 9.88 27.07
O1 PG4 O . 2.24 10.90 -0.48
C1 PG4 O . 1.37 10.35 0.46
C2 PG4 O . 1.57 8.85 0.56
O2 PG4 O . 1.11 8.40 1.81
C3 PG4 O . 0.70 7.06 1.85
C4 PG4 O . -0.28 6.83 3.00
O3 PG4 O . -1.20 5.84 2.62
C5 PG4 O . -1.51 4.88 3.59
C6 PG4 O . -2.11 3.66 2.89
O4 PG4 O . -2.50 4.00 1.59
C7 PG4 O . -3.21 3.01 0.89
C8 PG4 O . -4.68 3.41 0.80
O5 PG4 O . -5.03 3.69 -0.54
#